data_5KRV
#
_entry.id   5KRV
#
_cell.length_a   65.165
_cell.length_b   149.129
_cell.length_c   245.089
_cell.angle_alpha   90.00
_cell.angle_beta   90.00
_cell.angle_gamma   90.00
#
_symmetry.space_group_name_H-M   'C 2 2 21'
#
loop_
_entity.id
_entity.type
_entity.pdbx_description
1 polymer '1-deoxy-D-xylulose 5-phosphate reductoisomerase'
2 non-polymer 1,2-ETHANEDIOL
3 non-polymer ARGININE
4 non-polymer 'CHLORIDE ION'
5 non-polymer 'S,R MESO-TARTARIC ACID'
6 water water
#
_entity_poly.entity_id   1
_entity_poly.type   'polypeptide(L)'
_entity_poly.pdbx_seq_one_letter_code
;MHHHHHHSSGVDLGTENLYFQSGSGMQKLTILGATGSIGASTLKVIEQNPDKFSVVALAADSNVEKMQQLCQRWQPEYAV
MANKEAALRLKMALAVLAPNTQVLGGQEALCYVATLEQVDSVMAAIVGAAGLVPTMAAVKAGKRILLANKEALVMSGQLF
IDEVEKSGAQLLPVDSEHNAIFQCLPQTVQGNLGRCDLASQGVSHILLTGSGGPFRYTDVAELEAVTPEQAIAHPNWSMG
PKISVDSATMMNKGLEYIEAKWLFNASRDQLKVIIHPQSVIHSMVQYLDGSVLAQMGEPDMATPIALTLSYPERVKAGVK
PLDFTQVGELTFLQPDFERYPCLALAIEACYLGQHATTTLNAANEVAVAAFLARQIKFTDIARVNDSVLNQVCKQSLASG
LDSLESLLELDRMARTLADEVVRERAQ
;
_entity_poly.pdbx_strand_id   A,B
#
loop_
_chem_comp.id
_chem_comp.type
_chem_comp.name
_chem_comp.formula
CL non-polymer 'CHLORIDE ION' 'Cl -1'
EDO non-polymer 1,2-ETHANEDIOL 'C2 H6 O2'
SRT non-polymer 'S,R MESO-TARTARIC ACID' 'C4 H6 O6'
#
# COMPACT_ATOMS: atom_id res chain seq x y z
N GLY A 25 5.51 -25.26 -16.12
CA GLY A 25 5.76 -24.25 -15.04
C GLY A 25 6.59 -23.05 -15.47
N MET A 26 7.58 -23.29 -16.32
CA MET A 26 8.41 -22.23 -16.91
C MET A 26 7.62 -21.25 -17.81
N GLN A 27 7.76 -19.96 -17.53
CA GLN A 27 7.14 -18.93 -18.32
C GLN A 27 8.08 -18.57 -19.49
N LYS A 28 7.56 -18.64 -20.71
CA LYS A 28 8.32 -18.32 -21.92
C LYS A 28 8.03 -16.91 -22.47
N LEU A 29 9.09 -16.12 -22.64
CA LEU A 29 9.02 -14.71 -22.97
C LEU A 29 9.57 -14.36 -24.35
N THR A 30 8.89 -13.41 -24.98
CA THR A 30 9.44 -12.63 -26.07
C THR A 30 9.65 -11.23 -25.53
N ILE A 31 10.83 -10.67 -25.74
CA ILE A 31 11.11 -9.30 -25.33
C ILE A 31 11.18 -8.40 -26.55
N LEU A 32 10.17 -7.53 -26.72
CA LEU A 32 10.17 -6.50 -27.77
C LEU A 32 10.81 -5.26 -27.18
N GLY A 33 11.99 -4.91 -27.67
CA GLY A 33 12.74 -3.75 -27.17
C GLY A 33 13.85 -4.14 -26.22
N ALA A 34 14.64 -5.15 -26.60
CA ALA A 34 15.59 -5.73 -25.66
C ALA A 34 16.82 -4.89 -25.35
N THR A 35 17.13 -3.93 -26.20
CA THR A 35 18.41 -3.18 -26.10
C THR A 35 18.30 -1.89 -25.31
N GLY A 36 17.10 -1.51 -24.92
CA GLY A 36 16.92 -0.37 -24.02
C GLY A 36 17.00 -0.72 -22.54
N SER A 37 16.78 0.28 -21.69
CA SER A 37 16.90 0.12 -20.25
C SER A 37 15.81 -0.79 -19.66
N ILE A 38 14.63 -0.79 -20.28
CA ILE A 38 13.55 -1.69 -19.88
C ILE A 38 13.92 -3.14 -20.20
N GLY A 39 14.45 -3.36 -21.39
CA GLY A 39 14.98 -4.66 -21.80
C GLY A 39 16.04 -5.16 -20.85
N ALA A 40 16.96 -4.28 -20.48
CA ALA A 40 18.03 -4.62 -19.54
C ALA A 40 17.53 -5.00 -18.16
N SER A 41 16.64 -4.18 -17.61
CA SER A 41 15.96 -4.51 -16.36
C SER A 41 15.17 -5.82 -16.42
N THR A 42 14.50 -6.10 -17.53
CA THR A 42 13.78 -7.34 -17.64
C THR A 42 14.76 -8.51 -17.55
N LEU A 43 15.88 -8.39 -18.28
CA LEU A 43 16.85 -9.48 -18.36
C LEU A 43 17.53 -9.74 -17.01
N LYS A 44 17.73 -8.69 -16.23
CA LYS A 44 18.25 -8.80 -14.85
C LYS A 44 17.33 -9.61 -13.95
N VAL A 45 16.02 -9.42 -14.09
CA VAL A 45 15.07 -10.18 -13.32
C VAL A 45 15.09 -11.63 -13.76
N ILE A 46 15.14 -11.87 -15.05
CA ILE A 46 15.17 -13.24 -15.58
C ILE A 46 16.44 -13.93 -15.13
N GLU A 47 17.55 -13.20 -15.12
CA GLU A 47 18.84 -13.69 -14.61
C GLU A 47 18.77 -14.20 -13.13
N GLN A 48 18.02 -13.50 -12.29
CA GLN A 48 17.81 -13.87 -10.89
C GLN A 48 16.93 -15.10 -10.72
N ASN A 49 16.18 -15.46 -11.74
CA ASN A 49 15.17 -16.50 -11.68
C ASN A 49 15.21 -17.46 -12.87
N PRO A 50 16.38 -18.11 -13.13
CA PRO A 50 16.49 -19.04 -14.28
C PRO A 50 15.55 -20.26 -14.22
N ASP A 51 15.11 -20.65 -13.03
CA ASP A 51 14.12 -21.72 -12.90
C ASP A 51 12.66 -21.33 -13.28
N LYS A 52 12.37 -20.03 -13.42
CA LYS A 52 10.99 -19.56 -13.67
C LYS A 52 10.75 -18.97 -15.04
N PHE A 53 11.76 -18.31 -15.61
CA PHE A 53 11.60 -17.55 -16.87
C PHE A 53 12.63 -18.01 -17.91
N SER A 54 12.20 -18.04 -19.17
CA SER A 54 13.09 -18.37 -20.25
C SER A 54 12.83 -17.50 -21.48
N VAL A 55 13.92 -17.01 -22.08
CA VAL A 55 13.85 -16.11 -23.20
C VAL A 55 13.83 -16.90 -24.51
N VAL A 56 12.70 -16.85 -25.19
CA VAL A 56 12.49 -17.47 -26.48
C VAL A 56 12.96 -16.56 -27.62
N ALA A 57 12.57 -15.29 -27.55
CA ALA A 57 12.89 -14.34 -28.62
C ALA A 57 13.28 -12.99 -28.07
N LEU A 58 14.26 -12.38 -28.71
CA LEU A 58 14.65 -11.02 -28.42
C LEU A 58 14.46 -10.21 -29.71
N ALA A 59 14.00 -8.97 -29.57
CA ALA A 59 13.71 -8.12 -30.70
C ALA A 59 14.12 -6.70 -30.37
N ALA A 60 14.63 -6.01 -31.36
CA ALA A 60 15.09 -4.67 -31.20
C ALA A 60 14.82 -3.85 -32.44
N ASP A 61 14.87 -2.55 -32.21
CA ASP A 61 14.64 -1.52 -33.24
C ASP A 61 15.84 -0.61 -33.32
N SER A 62 16.85 -0.88 -32.50
CA SER A 62 18.12 -0.17 -32.55
C SER A 62 19.23 -1.02 -31.89
N ASN A 63 20.46 -0.69 -32.23
CA ASN A 63 21.66 -1.13 -31.55
C ASN A 63 22.06 -2.60 -31.78
N VAL A 64 22.46 -2.87 -33.02
CA VAL A 64 22.92 -4.18 -33.42
C VAL A 64 24.06 -4.68 -32.53
N GLU A 65 24.98 -3.80 -32.15
CA GLU A 65 26.13 -4.18 -31.32
C GLU A 65 25.69 -4.72 -29.94
N LYS A 66 24.75 -4.03 -29.32
CA LYS A 66 24.16 -4.46 -28.06
C LYS A 66 23.40 -5.77 -28.28
N MET A 67 22.67 -5.84 -29.39
CA MET A 67 21.85 -6.98 -29.67
C MET A 67 22.71 -8.23 -29.85
N GLN A 68 23.85 -8.12 -30.52
CA GLN A 68 24.65 -9.30 -30.72
C GLN A 68 25.27 -9.80 -29.39
N GLN A 69 25.68 -8.87 -28.53
CA GLN A 69 26.13 -9.18 -27.18
C GLN A 69 25.04 -9.87 -26.33
N LEU A 70 23.78 -9.41 -26.45
CA LEU A 70 22.66 -10.04 -25.76
C LEU A 70 22.31 -11.41 -26.32
N CYS A 71 22.35 -11.57 -27.64
CA CYS A 71 22.14 -12.88 -28.24
C CYS A 71 23.26 -13.84 -27.88
N GLN A 72 24.48 -13.34 -27.77
N GLN A 72 24.48 -13.35 -27.76
CA GLN A 72 25.58 -14.18 -27.29
CA GLN A 72 25.62 -14.15 -27.28
C GLN A 72 25.34 -14.69 -25.85
C GLN A 72 25.37 -14.68 -25.85
N ARG A 73 25.00 -13.80 -24.93
CA ARG A 73 24.68 -14.18 -23.55
C ARG A 73 23.42 -15.10 -23.45
N TRP A 74 22.33 -14.75 -24.14
CA TRP A 74 21.03 -15.43 -23.99
C TRP A 74 20.77 -16.59 -24.97
N GLN A 75 21.46 -16.61 -26.12
CA GLN A 75 21.26 -17.70 -27.12
C GLN A 75 19.78 -17.99 -27.37
N PRO A 76 18.99 -16.98 -27.73
CA PRO A 76 17.57 -17.22 -27.91
C PRO A 76 17.29 -17.96 -29.21
N GLU A 77 16.12 -18.57 -29.31
CA GLU A 77 15.67 -19.21 -30.54
C GLU A 77 15.53 -18.24 -31.69
N TYR A 78 15.04 -17.04 -31.39
CA TYR A 78 14.83 -16.02 -32.40
C TYR A 78 15.44 -14.72 -31.95
N ALA A 79 15.94 -13.97 -32.92
CA ALA A 79 16.37 -12.60 -32.73
C ALA A 79 15.86 -11.79 -33.91
N VAL A 80 15.27 -10.63 -33.61
CA VAL A 80 14.63 -9.81 -34.63
C VAL A 80 15.10 -8.39 -34.53
N MET A 81 15.51 -7.81 -35.66
CA MET A 81 15.68 -6.36 -35.79
C MET A 81 14.49 -5.80 -36.58
N ALA A 82 14.01 -4.64 -36.16
CA ALA A 82 12.89 -3.98 -36.84
C ALA A 82 13.33 -3.57 -38.23
N ASN A 83 14.56 -3.09 -38.33
CA ASN A 83 15.14 -2.71 -39.64
C ASN A 83 15.79 -3.95 -40.30
N LYS A 84 15.43 -4.19 -41.55
CA LYS A 84 15.88 -5.36 -42.31
C LYS A 84 17.38 -5.34 -42.60
N GLU A 85 17.91 -4.16 -42.87
CA GLU A 85 19.36 -3.97 -43.10
C GLU A 85 20.12 -4.30 -41.83
N ALA A 86 19.62 -3.79 -40.70
CA ALA A 86 20.19 -4.12 -39.39
C ALA A 86 20.11 -5.64 -39.10
N ALA A 87 19.01 -6.28 -39.49
CA ALA A 87 18.84 -7.73 -39.32
C ALA A 87 19.92 -8.51 -40.10
N LEU A 88 20.25 -8.04 -41.29
CA LEU A 88 21.31 -8.66 -42.07
C LEU A 88 22.66 -8.59 -41.36
N ARG A 89 22.99 -7.41 -40.81
CA ARG A 89 24.22 -7.29 -40.04
C ARG A 89 24.24 -8.24 -38.83
N LEU A 90 23.12 -8.34 -38.13
CA LEU A 90 23.00 -9.24 -36.97
C LEU A 90 23.16 -10.72 -37.35
N LYS A 91 22.55 -11.08 -38.47
CA LYS A 91 22.60 -12.46 -38.96
C LYS A 91 24.05 -12.90 -39.26
N MET A 92 24.84 -12.00 -39.82
CA MET A 92 26.26 -12.25 -40.08
C MET A 92 27.07 -12.41 -38.80
N ALA A 93 26.81 -11.54 -37.83
CA ALA A 93 27.47 -11.62 -36.53
C ALA A 93 27.13 -12.93 -35.77
N LEU A 94 25.87 -13.30 -35.77
CA LEU A 94 25.41 -14.45 -34.97
C LEU A 94 25.74 -15.80 -35.60
N ALA A 95 26.08 -15.80 -36.87
CA ALA A 95 26.65 -16.99 -37.53
C ALA A 95 27.91 -17.46 -36.78
N VAL A 96 28.53 -16.55 -36.04
CA VAL A 96 29.63 -16.89 -35.15
C VAL A 96 29.26 -16.83 -33.65
N LEU A 97 28.55 -15.80 -33.23
CA LEU A 97 28.31 -15.58 -31.80
C LEU A 97 27.16 -16.38 -31.18
N ALA A 98 26.20 -16.82 -32.01
CA ALA A 98 24.98 -17.51 -31.56
C ALA A 98 24.41 -18.30 -32.72
N PRO A 99 25.09 -19.42 -33.06
CA PRO A 99 24.76 -20.16 -34.29
C PRO A 99 23.35 -20.71 -34.37
N ASN A 100 22.76 -21.04 -33.22
CA ASN A 100 21.40 -21.61 -33.20
C ASN A 100 20.25 -20.59 -33.15
N THR A 101 20.60 -19.31 -33.09
CA THR A 101 19.61 -18.26 -33.13
C THR A 101 19.21 -17.99 -34.56
N GLN A 102 17.92 -18.14 -34.88
CA GLN A 102 17.39 -17.71 -36.16
C GLN A 102 17.13 -16.17 -36.14
N VAL A 103 17.81 -15.42 -37.00
CA VAL A 103 17.65 -13.98 -37.10
C VAL A 103 16.61 -13.63 -38.16
N LEU A 104 15.74 -12.68 -37.84
CA LEU A 104 14.69 -12.22 -38.75
C LEU A 104 14.69 -10.69 -38.76
N GLY A 105 14.09 -10.13 -39.80
CA GLY A 105 13.99 -8.68 -39.94
C GLY A 105 12.60 -8.19 -40.33
N GLY A 106 12.24 -7.00 -39.86
CA GLY A 106 10.99 -6.35 -40.29
C GLY A 106 9.80 -6.41 -39.35
N GLN A 107 8.76 -5.67 -39.71
CA GLN A 107 7.53 -5.58 -38.89
C GLN A 107 6.80 -6.93 -38.78
N GLU A 108 6.67 -7.66 -39.87
CA GLU A 108 6.02 -8.98 -39.84
C GLU A 108 6.74 -9.94 -38.87
N ALA A 109 8.07 -9.83 -38.82
CA ALA A 109 8.91 -10.67 -37.95
C ALA A 109 8.70 -10.32 -36.45
N LEU A 110 8.59 -9.03 -36.15
CA LEU A 110 8.20 -8.57 -34.81
C LEU A 110 6.85 -9.19 -34.37
N CYS A 111 5.87 -9.16 -35.25
CA CYS A 111 4.59 -9.80 -34.99
C CYS A 111 4.71 -11.29 -34.82
N TYR A 112 5.59 -11.91 -35.61
CA TYR A 112 5.78 -13.36 -35.56
C TYR A 112 6.30 -13.81 -34.18
N VAL A 113 7.34 -13.17 -33.67
CA VAL A 113 7.90 -13.56 -32.35
C VAL A 113 6.99 -13.17 -31.18
N ALA A 114 6.18 -12.13 -31.39
CA ALA A 114 5.18 -11.71 -30.42
C ALA A 114 3.98 -12.64 -30.31
N THR A 115 3.77 -13.50 -31.30
CA THR A 115 2.58 -14.36 -31.34
C THR A 115 2.88 -15.85 -31.36
N LEU A 116 4.12 -16.25 -31.09
CA LEU A 116 4.52 -17.66 -31.10
C LEU A 116 3.70 -18.49 -30.13
N GLU A 117 3.36 -19.70 -30.55
CA GLU A 117 2.51 -20.61 -29.77
C GLU A 117 3.12 -20.94 -28.40
N GLN A 118 4.43 -21.18 -28.37
CA GLN A 118 5.11 -21.52 -27.11
C GLN A 118 5.28 -20.34 -26.12
N VAL A 119 5.12 -19.10 -26.60
CA VAL A 119 5.30 -17.89 -25.76
C VAL A 119 4.09 -17.58 -24.86
N ASP A 120 4.36 -17.36 -23.58
CA ASP A 120 3.32 -17.02 -22.59
C ASP A 120 3.19 -15.50 -22.40
N SER A 121 4.32 -14.81 -22.30
CA SER A 121 4.35 -13.37 -22.08
C SER A 121 5.19 -12.62 -23.07
N VAL A 122 4.77 -11.39 -23.35
CA VAL A 122 5.46 -10.49 -24.25
C VAL A 122 5.72 -9.19 -23.53
N MET A 123 7.00 -8.86 -23.34
CA MET A 123 7.41 -7.53 -22.85
C MET A 123 7.31 -6.58 -24.03
N ALA A 124 6.33 -5.69 -24.00
CA ALA A 124 6.08 -4.76 -25.12
C ALA A 124 6.74 -3.44 -24.83
N ALA A 125 8.04 -3.35 -25.12
CA ALA A 125 8.89 -2.21 -24.78
C ALA A 125 9.50 -1.50 -25.98
N ILE A 126 9.01 -1.79 -27.18
CA ILE A 126 9.29 -0.93 -28.33
C ILE A 126 8.45 0.35 -28.22
N VAL A 127 9.11 1.51 -28.22
CA VAL A 127 8.42 2.79 -28.06
C VAL A 127 7.94 3.39 -29.35
N GLY A 128 7.04 4.36 -29.22
CA GLY A 128 6.49 5.08 -30.36
C GLY A 128 5.44 4.26 -31.08
N ALA A 129 4.88 4.87 -32.13
CA ALA A 129 3.88 4.24 -32.97
C ALA A 129 4.33 2.91 -33.64
N ALA A 130 5.64 2.73 -33.85
CA ALA A 130 6.19 1.45 -34.36
C ALA A 130 5.91 0.22 -33.46
N GLY A 131 5.76 0.47 -32.16
CA GLY A 131 5.37 -0.56 -31.21
C GLY A 131 3.92 -1.01 -31.25
N LEU A 132 3.02 -0.20 -31.81
CA LEU A 132 1.57 -0.50 -31.78
C LEU A 132 1.23 -1.83 -32.41
N VAL A 133 1.67 -2.03 -33.64
CA VAL A 133 1.26 -3.20 -34.42
C VAL A 133 1.70 -4.52 -33.78
N PRO A 134 2.99 -4.63 -33.40
CA PRO A 134 3.41 -5.89 -32.72
C PRO A 134 2.78 -6.08 -31.33
N THR A 135 2.67 -5.00 -30.56
CA THR A 135 1.96 -5.07 -29.29
C THR A 135 0.53 -5.56 -29.53
N MET A 136 -0.15 -4.97 -30.50
CA MET A 136 -1.51 -5.37 -30.85
C MET A 136 -1.59 -6.81 -31.29
N ALA A 137 -0.60 -7.28 -32.05
CA ALA A 137 -0.57 -8.68 -32.50
C ALA A 137 -0.48 -9.64 -31.31
N ALA A 138 0.36 -9.32 -30.32
CA ALA A 138 0.42 -10.08 -29.06
C ALA A 138 -0.93 -10.10 -28.34
N VAL A 139 -1.58 -8.94 -28.29
CA VAL A 139 -2.93 -8.82 -27.68
C VAL A 139 -3.92 -9.75 -28.37
N LYS A 140 -3.98 -9.71 -29.70
CA LYS A 140 -4.88 -10.59 -30.44
C LYS A 140 -4.57 -12.08 -30.30
N ALA A 141 -3.32 -12.41 -29.98
CA ALA A 141 -2.93 -13.80 -29.73
C ALA A 141 -3.25 -14.27 -28.32
N GLY A 142 -3.79 -13.39 -27.47
CA GLY A 142 -4.20 -13.75 -26.12
C GLY A 142 -3.05 -13.90 -25.14
N LYS A 143 -1.94 -13.26 -25.44
CA LYS A 143 -0.77 -13.35 -24.60
C LYS A 143 -0.93 -12.46 -23.36
N ARG A 144 -0.10 -12.75 -22.39
CA ARG A 144 0.10 -11.84 -21.28
C ARG A 144 1.01 -10.70 -21.75
N ILE A 145 0.58 -9.47 -21.57
CA ILE A 145 1.24 -8.31 -22.11
C ILE A 145 1.84 -7.49 -20.99
N LEU A 146 3.15 -7.39 -20.99
CA LEU A 146 3.84 -6.57 -20.02
C LEU A 146 3.99 -5.24 -20.73
N LEU A 147 3.09 -4.31 -20.43
CA LEU A 147 2.94 -3.13 -21.28
C LEU A 147 3.90 -2.02 -20.92
N ALA A 148 4.85 -1.77 -21.81
CA ALA A 148 5.83 -0.69 -21.61
C ALA A 148 5.87 0.25 -22.83
N ASN A 149 4.79 0.33 -23.58
CA ASN A 149 4.63 1.22 -24.74
C ASN A 149 3.51 2.21 -24.38
N LYS A 150 3.83 3.49 -24.30
CA LYS A 150 2.85 4.53 -23.98
C LYS A 150 1.78 4.75 -25.06
N GLU A 151 2.14 4.58 -26.32
CA GLU A 151 1.23 4.91 -27.41
C GLU A 151 -0.02 4.03 -27.48
N ALA A 152 0.09 2.78 -27.04
CA ALA A 152 -1.03 1.85 -27.10
C ALA A 152 -2.27 2.42 -26.42
N LEU A 153 -2.10 2.99 -25.24
CA LEU A 153 -3.21 3.58 -24.53
C LEU A 153 -3.41 5.07 -24.76
N VAL A 154 -2.33 5.82 -25.02
CA VAL A 154 -2.47 7.26 -25.34
C VAL A 154 -3.20 7.50 -26.66
N MET A 155 -2.87 6.71 -27.67
CA MET A 155 -3.45 6.86 -29.01
C MET A 155 -4.68 6.02 -29.21
N SER A 156 -4.67 4.79 -28.70
CA SER A 156 -5.68 3.80 -29.06
C SER A 156 -6.22 3.01 -27.86
N GLY A 157 -6.38 3.69 -26.72
CA GLY A 157 -6.87 3.07 -25.50
C GLY A 157 -8.14 2.24 -25.64
N GLN A 158 -9.18 2.82 -26.22
CA GLN A 158 -10.47 2.12 -26.40
C GLN A 158 -10.26 0.84 -27.22
N LEU A 159 -9.55 0.99 -28.32
CA LEU A 159 -9.22 -0.10 -29.21
C LEU A 159 -8.45 -1.22 -28.50
N PHE A 160 -7.42 -0.86 -27.73
CA PHE A 160 -6.62 -1.87 -26.98
C PHE A 160 -7.44 -2.59 -25.92
N ILE A 161 -8.20 -1.85 -25.12
CA ILE A 161 -9.02 -2.47 -24.08
C ILE A 161 -10.04 -3.43 -24.68
N ASP A 162 -10.68 -3.03 -25.78
CA ASP A 162 -11.61 -3.90 -26.51
C ASP A 162 -10.95 -5.19 -27.02
N GLU A 163 -9.78 -5.05 -27.64
CA GLU A 163 -9.08 -6.21 -28.17
C GLU A 163 -8.59 -7.15 -27.05
N VAL A 164 -8.19 -6.57 -25.92
CA VAL A 164 -7.82 -7.37 -24.74
C VAL A 164 -9.00 -8.21 -24.20
N GLU A 165 -10.16 -7.61 -24.11
CA GLU A 165 -11.36 -8.31 -23.68
C GLU A 165 -11.69 -9.43 -24.65
N LYS A 166 -11.59 -9.11 -25.94
CA LYS A 166 -11.97 -10.01 -27.03
C LYS A 166 -11.14 -11.31 -27.04
N SER A 167 -9.84 -11.21 -26.74
CA SER A 167 -8.89 -12.35 -26.82
C SER A 167 -8.56 -13.06 -25.49
N GLY A 168 -8.93 -12.46 -24.36
CA GLY A 168 -8.52 -12.98 -23.05
C GLY A 168 -7.07 -12.70 -22.66
N ALA A 169 -6.42 -11.74 -23.33
CA ALA A 169 -5.07 -11.31 -22.97
C ALA A 169 -5.07 -10.67 -21.57
N GLN A 170 -3.98 -10.84 -20.83
CA GLN A 170 -3.79 -10.13 -19.57
C GLN A 170 -2.90 -8.94 -19.81
N LEU A 171 -3.27 -7.78 -19.27
CA LEU A 171 -2.52 -6.55 -19.41
C LEU A 171 -1.91 -6.27 -18.04
N LEU A 172 -0.59 -6.11 -18.00
CA LEU A 172 0.09 -5.77 -16.78
C LEU A 172 1.01 -4.60 -17.04
N PRO A 173 0.77 -3.45 -16.39
CA PRO A 173 1.54 -2.26 -16.70
C PRO A 173 2.94 -2.26 -16.11
N VAL A 174 3.92 -1.86 -16.91
CA VAL A 174 5.32 -1.86 -16.50
C VAL A 174 5.72 -0.55 -15.85
N ASP A 175 5.19 0.53 -16.38
CA ASP A 175 5.60 1.85 -15.94
C ASP A 175 5.33 2.03 -14.45
N SER A 176 6.25 2.75 -13.81
CA SER A 176 6.39 2.83 -12.37
C SER A 176 5.11 3.26 -11.65
N GLU A 177 4.51 4.34 -12.13
CA GLU A 177 3.30 4.90 -11.52
C GLU A 177 2.11 3.97 -11.68
N HIS A 178 1.95 3.39 -12.86
CA HIS A 178 0.84 2.50 -13.12
C HIS A 178 0.99 1.21 -12.36
N ASN A 179 2.23 0.74 -12.26
CA ASN A 179 2.52 -0.49 -11.57
C ASN A 179 2.26 -0.29 -10.09
N ALA A 180 2.65 0.88 -9.57
CA ALA A 180 2.42 1.22 -8.17
C ALA A 180 0.91 1.23 -7.84
N ILE A 181 0.13 1.88 -8.71
CA ILE A 181 -1.34 1.93 -8.59
C ILE A 181 -1.92 0.53 -8.60
N PHE A 182 -1.45 -0.27 -9.54
CA PHE A 182 -1.87 -1.67 -9.68
C PHE A 182 -1.69 -2.41 -8.35
N GLN A 183 -0.53 -2.23 -7.70
CA GLN A 183 -0.24 -2.87 -6.43
C GLN A 183 -1.09 -2.36 -5.28
N CYS A 184 -1.49 -1.10 -5.34
CA CYS A 184 -2.33 -0.50 -4.33
C CYS A 184 -3.84 -0.80 -4.49
N LEU A 185 -4.24 -1.46 -5.57
CA LEU A 185 -5.64 -1.82 -5.83
C LEU A 185 -5.97 -3.25 -5.36
N PRO A 186 -7.25 -3.52 -5.11
CA PRO A 186 -7.64 -4.86 -4.69
C PRO A 186 -7.47 -5.88 -5.81
N GLN A 187 -7.34 -7.14 -5.44
CA GLN A 187 -7.11 -8.23 -6.37
C GLN A 187 -8.20 -8.35 -7.44
N THR A 188 -9.45 -8.09 -7.09
CA THR A 188 -10.58 -8.15 -8.04
C THR A 188 -10.40 -7.15 -9.20
N VAL A 189 -9.84 -5.98 -8.89
CA VAL A 189 -9.53 -4.95 -9.89
C VAL A 189 -8.27 -5.34 -10.71
N GLN A 190 -7.26 -5.88 -10.03
CA GLN A 190 -6.01 -6.31 -10.68
C GLN A 190 -6.24 -7.36 -11.77
N GLY A 191 -7.15 -8.29 -11.51
CA GLY A 191 -7.50 -9.35 -12.48
C GLY A 191 -8.35 -8.91 -13.68
N ASN A 192 -8.95 -7.72 -13.59
CA ASN A 192 -9.87 -7.21 -14.60
C ASN A 192 -9.61 -5.73 -14.91
N LEU A 193 -8.40 -5.46 -15.40
CA LEU A 193 -8.01 -4.12 -15.79
C LEU A 193 -8.81 -3.57 -16.99
N GLY A 194 -9.29 -2.34 -16.81
CA GLY A 194 -10.05 -1.63 -17.84
C GLY A 194 -11.54 -1.81 -17.87
N ARG A 195 -12.05 -2.75 -17.07
CA ARG A 195 -13.44 -3.18 -17.10
C ARG A 195 -14.12 -3.20 -15.72
N CYS A 196 -13.38 -2.94 -14.64
CA CYS A 196 -13.96 -2.99 -13.30
C CYS A 196 -14.53 -1.59 -12.96
N ASP A 197 -15.63 -1.57 -12.23
CA ASP A 197 -16.20 -0.32 -11.68
C ASP A 197 -15.47 -0.04 -10.36
N LEU A 198 -14.63 1.00 -10.33
CA LEU A 198 -13.77 1.29 -9.18
C LEU A 198 -14.53 1.54 -7.87
N ALA A 199 -15.61 2.32 -7.96
CA ALA A 199 -16.43 2.68 -6.79
C ALA A 199 -17.04 1.44 -6.13
N SER A 200 -17.43 0.44 -6.93
CA SER A 200 -17.94 -0.83 -6.38
C SER A 200 -16.88 -1.71 -5.67
N GLN A 201 -15.59 -1.44 -5.87
CA GLN A 201 -14.52 -2.11 -5.12
C GLN A 201 -13.95 -1.22 -4.02
N GLY A 202 -14.68 -0.17 -3.66
CA GLY A 202 -14.31 0.67 -2.54
C GLY A 202 -13.29 1.74 -2.81
N VAL A 203 -12.98 2.00 -4.07
CA VAL A 203 -11.96 3.01 -4.39
C VAL A 203 -12.65 4.34 -4.57
N SER A 204 -12.21 5.37 -3.84
CA SER A 204 -12.66 6.74 -4.08
C SER A 204 -11.87 7.32 -5.23
N HIS A 205 -10.55 7.32 -5.09
CA HIS A 205 -9.71 7.83 -6.16
C HIS A 205 -8.28 7.33 -6.17
N ILE A 206 -7.68 7.45 -7.34
CA ILE A 206 -6.29 7.08 -7.60
C ILE A 206 -5.44 8.34 -7.57
N LEU A 207 -4.33 8.29 -6.84
CA LEU A 207 -3.43 9.42 -6.72
C LEU A 207 -2.16 9.15 -7.53
N LEU A 208 -2.13 9.71 -8.73
CA LEU A 208 -1.00 9.65 -9.62
C LEU A 208 0.05 10.65 -9.19
N THR A 209 1.23 10.17 -8.77
CA THR A 209 2.28 11.05 -8.27
C THR A 209 3.36 11.33 -9.32
N GLY A 210 4.00 12.48 -9.15
CA GLY A 210 5.12 12.87 -10.03
C GLY A 210 5.99 13.90 -9.31
N SER A 211 7.22 14.02 -9.78
CA SER A 211 8.21 14.86 -9.13
C SER A 211 7.98 16.34 -9.36
N GLY A 212 7.27 16.69 -10.43
CA GLY A 212 7.07 18.09 -10.79
C GLY A 212 8.13 18.65 -11.70
N GLY A 213 9.16 17.86 -12.01
CA GLY A 213 10.22 18.32 -12.94
C GLY A 213 11.12 19.42 -12.40
N PRO A 214 12.10 19.86 -13.21
CA PRO A 214 13.09 20.85 -12.75
C PRO A 214 12.52 22.21 -12.34
N PHE A 215 11.36 22.59 -12.89
CA PHE A 215 10.74 23.87 -12.55
C PHE A 215 9.62 23.81 -11.48
N ARG A 216 9.62 22.75 -10.67
CA ARG A 216 8.63 22.58 -9.56
C ARG A 216 8.49 23.78 -8.62
N TYR A 217 9.60 24.49 -8.38
CA TYR A 217 9.64 25.65 -7.48
C TYR A 217 9.89 26.98 -8.19
N THR A 218 9.88 26.97 -9.51
CA THR A 218 10.22 28.16 -10.30
C THR A 218 8.99 29.05 -10.47
N ASP A 219 9.19 30.36 -10.32
CA ASP A 219 8.11 31.35 -10.54
C ASP A 219 7.56 31.21 -11.97
N VAL A 220 6.24 31.28 -12.13
CA VAL A 220 5.59 31.13 -13.44
C VAL A 220 6.12 32.15 -14.47
N ALA A 221 6.38 33.38 -14.03
CA ALA A 221 6.90 34.43 -14.91
C ALA A 221 8.25 34.10 -15.56
N GLU A 222 9.09 33.33 -14.86
CA GLU A 222 10.42 32.92 -15.37
C GLU A 222 10.40 31.81 -16.43
N LEU A 223 9.28 31.12 -16.58
CA LEU A 223 9.18 30.00 -17.52
C LEU A 223 9.32 30.40 -18.99
N GLU A 224 8.88 31.61 -19.34
CA GLU A 224 9.04 32.17 -20.68
C GLU A 224 10.49 32.17 -21.19
N ALA A 225 11.44 32.49 -20.32
CA ALA A 225 12.87 32.57 -20.69
C ALA A 225 13.68 31.26 -20.56
N VAL A 226 13.04 30.15 -20.22
CA VAL A 226 13.70 28.85 -20.05
C VAL A 226 14.36 28.37 -21.33
N THR A 227 15.53 27.77 -21.18
CA THR A 227 16.32 27.28 -22.29
C THR A 227 16.36 25.76 -22.26
N PRO A 228 16.54 25.10 -23.43
CA PRO A 228 16.71 23.65 -23.44
C PRO A 228 17.78 23.11 -22.48
N GLU A 229 18.87 23.84 -22.30
CA GLU A 229 19.89 23.48 -21.31
C GLU A 229 19.26 23.32 -19.91
N GLN A 230 18.45 24.30 -19.51
CA GLN A 230 17.74 24.24 -18.23
C GLN A 230 16.67 23.14 -18.15
N ALA A 231 15.94 22.92 -19.24
CA ALA A 231 14.83 21.94 -19.26
C ALA A 231 15.27 20.48 -19.22
N ILE A 232 16.53 20.21 -19.59
CA ILE A 232 17.09 18.85 -19.56
C ILE A 232 17.65 18.47 -18.16
N ALA A 233 18.33 19.41 -17.50
CA ALA A 233 18.86 19.21 -16.13
C ALA A 233 19.91 18.09 -16.06
N SER A 238 19.49 10.86 -15.85
CA SER A 238 19.78 11.29 -17.21
C SER A 238 19.16 10.32 -18.25
N MET A 239 18.16 10.79 -19.01
CA MET A 239 17.59 10.07 -20.19
C MET A 239 17.36 11.01 -21.44
N GLY A 240 16.72 10.50 -22.50
CA GLY A 240 16.54 11.23 -23.78
C GLY A 240 15.87 12.60 -23.67
N PRO A 241 16.21 13.56 -24.57
CA PRO A 241 15.77 14.95 -24.39
C PRO A 241 14.26 15.20 -24.52
N LYS A 242 13.57 14.43 -25.35
CA LYS A 242 12.11 14.55 -25.51
C LYS A 242 11.39 14.22 -24.18
N ILE A 243 11.78 13.09 -23.61
CA ILE A 243 11.31 12.63 -22.28
C ILE A 243 11.60 13.65 -21.16
N SER A 244 12.77 14.30 -21.22
CA SER A 244 13.15 15.34 -20.25
C SER A 244 12.32 16.62 -20.33
N VAL A 245 12.09 17.11 -21.56
CA VAL A 245 11.23 18.28 -21.78
C VAL A 245 9.78 18.00 -21.34
N ASP A 246 9.27 16.81 -21.67
CA ASP A 246 7.95 16.38 -21.17
C ASP A 246 7.85 16.33 -19.65
N SER A 247 8.94 15.92 -19.01
CA SER A 247 9.05 15.99 -17.56
C SER A 247 9.00 17.42 -17.02
N ALA A 248 9.61 18.36 -17.74
CA ALA A 248 9.56 19.78 -17.39
C ALA A 248 8.18 20.45 -17.56
N THR A 249 7.46 20.07 -18.60
CA THR A 249 6.09 20.59 -18.83
C THR A 249 5.00 19.81 -18.07
N MET A 250 5.37 18.64 -17.53
CA MET A 250 4.46 17.63 -16.96
C MET A 250 3.51 17.00 -17.98
N MET A 251 3.85 17.11 -19.26
CA MET A 251 3.17 16.35 -20.29
C MET A 251 3.40 14.86 -20.07
N ASN A 252 4.56 14.47 -19.54
CA ASN A 252 4.82 13.07 -19.14
C ASN A 252 3.71 12.54 -18.18
N LYS A 253 3.35 13.35 -17.18
CA LYS A 253 2.28 12.99 -16.24
C LYS A 253 0.92 13.00 -16.92
N GLY A 254 0.75 13.91 -17.86
CA GLY A 254 -0.49 14.00 -18.64
C GLY A 254 -0.73 12.74 -19.42
N LEU A 255 0.32 12.27 -20.06
CA LEU A 255 0.23 11.03 -20.82
C LEU A 255 -0.04 9.85 -19.88
N GLU A 256 0.65 9.81 -18.74
CA GLU A 256 0.38 8.78 -17.72
C GLU A 256 -1.04 8.84 -17.18
N TYR A 257 -1.56 10.05 -17.02
CA TYR A 257 -2.92 10.24 -16.63
C TYR A 257 -3.85 9.54 -17.64
N ILE A 258 -3.61 9.77 -18.92
CA ILE A 258 -4.46 9.19 -19.96
C ILE A 258 -4.41 7.67 -19.92
N GLU A 259 -3.20 7.13 -19.80
CA GLU A 259 -3.05 5.67 -19.71
C GLU A 259 -3.75 5.09 -18.49
N ALA A 260 -3.63 5.77 -17.35
CA ALA A 260 -4.32 5.35 -16.12
C ALA A 260 -5.83 5.28 -16.30
N LYS A 261 -6.38 6.26 -16.98
CA LYS A 261 -7.82 6.28 -17.23
C LYS A 261 -8.24 4.97 -17.89
N TRP A 262 -7.48 4.54 -18.92
CA TRP A 262 -7.84 3.31 -19.64
C TRP A 262 -7.48 2.07 -18.91
N LEU A 263 -6.33 2.07 -18.23
CA LEU A 263 -5.92 0.89 -17.48
C LEU A 263 -6.88 0.55 -16.34
N PHE A 264 -7.31 1.57 -15.63
CA PHE A 264 -8.09 1.38 -14.41
C PHE A 264 -9.59 1.79 -14.54
N ASN A 265 -9.99 2.23 -15.72
CA ASN A 265 -11.36 2.65 -16.02
C ASN A 265 -11.83 3.73 -15.07
N ALA A 266 -11.02 4.75 -14.91
CA ALA A 266 -11.24 5.78 -13.92
C ALA A 266 -11.90 6.99 -14.54
N SER A 267 -12.91 7.54 -13.88
CA SER A 267 -13.51 8.83 -14.30
C SER A 267 -12.66 9.99 -13.81
N ARG A 268 -12.96 11.20 -14.26
CA ARG A 268 -12.19 12.40 -13.83
C ARG A 268 -12.26 12.66 -12.31
N ASP A 269 -13.32 12.15 -11.66
CA ASP A 269 -13.45 12.26 -10.20
C ASP A 269 -12.51 11.31 -9.47
N GLN A 270 -12.19 10.19 -10.12
CA GLN A 270 -11.46 9.11 -9.53
C GLN A 270 -9.95 9.19 -9.79
N LEU A 271 -9.47 10.25 -10.43
CA LEU A 271 -8.08 10.29 -10.86
C LEU A 271 -7.47 11.65 -10.59
N LYS A 272 -6.52 11.69 -9.66
CA LYS A 272 -5.93 12.95 -9.20
C LYS A 272 -4.43 12.91 -9.40
N VAL A 273 -3.84 14.10 -9.51
CA VAL A 273 -2.41 14.26 -9.69
C VAL A 273 -1.87 14.99 -8.49
N ILE A 274 -0.82 14.43 -7.90
CA ILE A 274 -0.15 15.00 -6.75
C ILE A 274 1.33 15.06 -7.08
N ILE A 275 1.95 16.18 -6.76
CA ILE A 275 3.38 16.31 -6.93
C ILE A 275 4.04 15.85 -5.64
N HIS A 276 5.01 14.96 -5.79
CA HIS A 276 5.78 14.41 -4.71
C HIS A 276 7.24 14.51 -5.15
N PRO A 277 7.96 15.58 -4.73
CA PRO A 277 9.26 15.86 -5.37
C PRO A 277 10.35 14.80 -5.25
N GLN A 278 10.31 13.98 -4.20
CA GLN A 278 11.38 13.01 -3.93
C GLN A 278 11.21 11.66 -4.66
N SER A 279 10.03 11.40 -5.21
CA SER A 279 9.75 10.15 -5.94
C SER A 279 10.07 8.82 -5.19
N VAL A 280 9.93 8.82 -3.88
CA VAL A 280 10.00 7.60 -3.09
C VAL A 280 8.69 6.85 -3.18
N ILE A 281 7.60 7.55 -2.91
CA ILE A 281 6.25 7.07 -3.22
C ILE A 281 6.06 7.15 -4.72
N HIS A 282 5.56 6.06 -5.31
CA HIS A 282 5.41 5.99 -6.77
C HIS A 282 4.01 6.19 -7.29
N SER A 283 3.02 5.87 -6.46
CA SER A 283 1.63 6.38 -6.56
C SER A 283 0.82 5.77 -5.41
N MET A 284 -0.43 6.18 -5.27
CA MET A 284 -1.28 5.79 -4.14
C MET A 284 -2.73 5.63 -4.57
N VAL A 285 -3.52 4.94 -3.75
CA VAL A 285 -4.95 4.77 -3.95
C VAL A 285 -5.65 5.10 -2.66
N GLN A 286 -6.68 5.91 -2.77
CA GLN A 286 -7.52 6.33 -1.66
C GLN A 286 -8.79 5.48 -1.68
N TYR A 287 -9.06 4.81 -0.57
CA TYR A 287 -10.26 4.02 -0.38
C TYR A 287 -11.37 4.78 0.39
N LEU A 288 -12.56 4.19 0.29
CA LEU A 288 -13.84 4.71 0.78
C LEU A 288 -13.93 4.85 2.30
N ASP A 289 -13.18 4.04 3.01
CA ASP A 289 -13.17 4.07 4.47
C ASP A 289 -12.20 5.07 5.09
N GLY A 290 -11.46 5.78 4.21
CA GLY A 290 -10.39 6.71 4.64
C GLY A 290 -8.99 6.18 4.47
N SER A 291 -8.86 4.88 4.23
CA SER A 291 -7.55 4.24 4.10
C SER A 291 -6.87 4.59 2.77
N VAL A 292 -5.56 4.84 2.80
CA VAL A 292 -4.76 5.05 1.62
C VAL A 292 -3.68 3.96 1.57
N LEU A 293 -3.52 3.34 0.42
CA LEU A 293 -2.37 2.46 0.18
C LEU A 293 -1.42 3.11 -0.77
N ALA A 294 -0.14 3.05 -0.43
CA ALA A 294 0.92 3.63 -1.24
C ALA A 294 1.98 2.58 -1.52
N GLN A 295 2.60 2.70 -2.69
CA GLN A 295 3.72 1.86 -3.07
C GLN A 295 4.97 2.71 -3.12
N MET A 296 6.02 2.23 -2.49
CA MET A 296 7.31 2.91 -2.37
C MET A 296 8.42 1.90 -2.77
N GLY A 297 9.62 2.40 -3.03
CA GLY A 297 10.76 1.54 -3.32
C GLY A 297 11.97 2.26 -3.88
N GLU A 298 13.09 1.54 -3.98
CA GLU A 298 14.28 2.09 -4.64
C GLU A 298 13.94 2.36 -6.08
N PRO A 299 14.57 3.39 -6.68
CA PRO A 299 14.25 3.79 -8.07
C PRO A 299 14.93 2.83 -9.09
N ASP A 300 14.30 1.68 -9.30
CA ASP A 300 14.84 0.65 -10.17
C ASP A 300 13.67 -0.03 -10.85
N MET A 301 13.67 0.00 -12.18
CA MET A 301 12.56 -0.54 -12.97
C MET A 301 12.42 -2.07 -12.84
N ALA A 302 13.44 -2.74 -12.33
CA ALA A 302 13.37 -4.19 -12.11
C ALA A 302 12.24 -4.58 -11.15
N THR A 303 11.92 -3.69 -10.21
CA THR A 303 10.85 -3.96 -9.25
C THR A 303 9.48 -4.09 -9.96
N PRO A 304 8.98 -3.03 -10.61
CA PRO A 304 7.69 -3.18 -11.32
C PRO A 304 7.69 -4.23 -12.39
N ILE A 305 8.80 -4.36 -13.13
CA ILE A 305 8.91 -5.38 -14.15
C ILE A 305 8.72 -6.75 -13.52
N ALA A 306 9.43 -6.99 -12.41
CA ALA A 306 9.42 -8.29 -11.74
C ALA A 306 8.00 -8.71 -11.40
N LEU A 307 7.19 -7.77 -10.90
CA LEU A 307 5.80 -8.08 -10.63
C LEU A 307 5.01 -8.39 -11.89
N THR A 308 5.25 -7.65 -12.98
CA THR A 308 4.54 -7.98 -14.24
C THR A 308 4.86 -9.40 -14.69
N LEU A 309 6.06 -9.87 -14.42
CA LEU A 309 6.46 -11.22 -14.79
C LEU A 309 5.90 -12.30 -13.85
N SER A 310 5.86 -12.01 -12.55
CA SER A 310 5.54 -13.01 -11.54
C SER A 310 4.05 -13.01 -11.09
N TYR A 311 3.29 -11.95 -11.38
CA TYR A 311 1.91 -11.79 -10.88
C TYR A 311 1.05 -13.06 -11.08
N PRO A 312 0.35 -13.56 -10.04
CA PRO A 312 0.15 -12.88 -8.74
C PRO A 312 1.18 -13.20 -7.66
N GLU A 313 2.16 -14.03 -7.95
CA GLU A 313 3.29 -14.28 -7.04
C GLU A 313 4.34 -13.17 -7.16
N ARG A 314 5.39 -13.29 -6.35
CA ARG A 314 6.50 -12.36 -6.36
C ARG A 314 7.84 -13.08 -6.47
N VAL A 315 8.82 -12.41 -7.07
CA VAL A 315 10.18 -12.96 -7.27
C VAL A 315 11.25 -11.97 -6.89
N LYS A 316 12.45 -12.49 -6.63
CA LYS A 316 13.63 -11.66 -6.41
C LYS A 316 13.84 -10.84 -7.68
N ALA A 317 14.20 -9.57 -7.52
CA ALA A 317 14.40 -8.69 -8.66
C ALA A 317 15.83 -8.11 -8.80
N GLY A 318 16.72 -8.44 -7.88
CA GLY A 318 18.02 -7.82 -7.82
C GLY A 318 17.99 -6.40 -7.29
N VAL A 319 16.94 -6.06 -6.56
CA VAL A 319 16.73 -4.73 -6.02
C VAL A 319 16.70 -4.90 -4.52
N LYS A 320 17.52 -4.10 -3.83
CA LYS A 320 17.58 -4.10 -2.39
C LYS A 320 16.30 -3.56 -1.72
N PRO A 321 16.07 -3.94 -0.46
CA PRO A 321 14.93 -3.31 0.25
C PRO A 321 15.18 -1.83 0.44
N LEU A 322 14.10 -1.07 0.60
CA LEU A 322 14.19 0.37 0.77
C LEU A 322 14.91 0.77 2.06
N ASP A 323 15.85 1.69 1.96
CA ASP A 323 16.66 2.12 3.10
C ASP A 323 16.11 3.42 3.69
N PHE A 324 15.36 3.31 4.78
CA PHE A 324 14.70 4.48 5.42
C PHE A 324 15.67 5.46 6.09
N THR A 325 16.91 5.02 6.35
CA THR A 325 18.07 5.86 6.71
C THR A 325 18.42 6.95 5.67
N GLN A 326 18.25 6.62 4.40
CA GLN A 326 18.69 7.48 3.28
C GLN A 326 17.55 8.13 2.53
N VAL A 327 16.31 7.88 2.96
CA VAL A 327 15.14 8.39 2.24
C VAL A 327 15.02 9.91 2.32
N GLY A 328 15.40 10.51 3.45
CA GLY A 328 15.17 11.93 3.70
C GLY A 328 13.69 12.24 3.89
N GLU A 329 13.33 13.51 3.76
CA GLU A 329 11.95 13.98 3.94
C GLU A 329 11.04 13.70 2.71
N LEU A 330 9.79 13.34 2.96
CA LEU A 330 8.78 13.19 1.89
C LEU A 330 7.79 14.34 1.97
N THR A 331 7.54 15.00 0.83
CA THR A 331 6.63 16.13 0.80
C THR A 331 5.68 16.03 -0.38
N PHE A 332 4.66 16.90 -0.36
CA PHE A 332 3.61 16.91 -1.36
C PHE A 332 3.15 18.31 -1.72
N LEU A 333 2.87 18.53 -3.00
CA LEU A 333 2.43 19.82 -3.55
C LEU A 333 1.21 19.56 -4.43
N GLN A 334 0.32 20.53 -4.51
CA GLN A 334 -0.75 20.52 -5.50
C GLN A 334 -0.21 21.17 -6.79
N PRO A 335 -0.38 20.52 -7.95
CA PRO A 335 0.09 21.14 -9.18
C PRO A 335 -0.70 22.40 -9.49
N ASP A 336 0.00 23.39 -10.01
CA ASP A 336 -0.59 24.61 -10.43
C ASP A 336 -0.69 24.50 -11.95
N PHE A 337 -1.89 24.64 -12.51
CA PHE A 337 -2.05 24.67 -13.99
C PHE A 337 -1.47 25.88 -14.71
N GLU A 338 -1.17 26.97 -13.99
CA GLU A 338 -0.39 28.09 -14.57
C GLU A 338 1.04 27.65 -14.89
N ARG A 339 1.58 26.79 -14.02
CA ARG A 339 2.93 26.23 -14.17
C ARG A 339 2.97 25.10 -15.19
N TYR A 340 1.90 24.31 -15.24
CA TYR A 340 1.90 23.09 -16.06
C TYR A 340 0.67 23.06 -16.97
N PRO A 341 0.57 24.01 -17.92
CA PRO A 341 -0.61 24.02 -18.79
C PRO A 341 -0.80 22.72 -19.58
N CYS A 342 0.29 22.07 -19.95
CA CYS A 342 0.21 20.80 -20.66
C CYS A 342 -0.55 19.73 -19.89
N LEU A 343 -0.44 19.76 -18.56
CA LEU A 343 -1.13 18.80 -17.74
C LEU A 343 -2.66 18.98 -17.82
N ALA A 344 -3.10 20.23 -17.82
CA ALA A 344 -4.53 20.56 -18.00
C ALA A 344 -5.04 20.09 -19.36
N LEU A 345 -4.23 20.30 -20.39
CA LEU A 345 -4.59 19.86 -21.74
C LEU A 345 -4.77 18.37 -21.85
N ALA A 346 -3.83 17.64 -21.25
CA ALA A 346 -3.89 16.17 -21.25
C ALA A 346 -5.12 15.65 -20.54
N ILE A 347 -5.45 16.22 -19.38
CA ILE A 347 -6.65 15.84 -18.62
C ILE A 347 -7.93 16.13 -19.43
N GLU A 348 -7.97 17.31 -20.02
CA GLU A 348 -9.08 17.69 -20.91
C GLU A 348 -9.17 16.71 -22.08
N ALA A 349 -8.03 16.47 -22.75
CA ALA A 349 -7.99 15.59 -23.91
C ALA A 349 -8.44 14.19 -23.53
N CYS A 350 -8.03 13.74 -22.36
CA CYS A 350 -8.38 12.43 -21.87
C CYS A 350 -9.86 12.11 -22.02
N TYR A 351 -10.70 13.03 -21.53
CA TYR A 351 -12.15 12.77 -21.49
C TYR A 351 -12.88 13.16 -22.77
N LEU A 352 -12.18 13.81 -23.69
CA LEU A 352 -12.68 13.95 -25.07
C LEU A 352 -12.47 12.70 -25.93
N GLY A 353 -11.55 11.80 -25.56
CA GLY A 353 -11.39 10.50 -26.25
C GLY A 353 -10.14 10.33 -27.11
N GLN A 354 -10.08 9.20 -27.80
CA GLN A 354 -8.90 8.79 -28.61
C GLN A 354 -8.41 9.84 -29.61
N HIS A 355 -9.34 10.45 -30.33
CA HIS A 355 -9.00 11.46 -31.32
C HIS A 355 -8.25 12.62 -30.68
N ALA A 356 -8.72 13.07 -29.52
CA ALA A 356 -8.08 14.19 -28.83
C ALA A 356 -6.72 13.83 -28.26
N THR A 357 -6.60 12.64 -27.67
CA THR A 357 -5.31 12.25 -27.07
C THR A 357 -4.24 11.94 -28.13
N THR A 358 -4.63 11.25 -29.20
CA THR A 358 -3.75 11.08 -30.37
C THR A 358 -3.29 12.44 -30.90
N THR A 359 -4.21 13.39 -31.03
CA THR A 359 -3.88 14.71 -31.55
C THR A 359 -2.87 15.43 -30.63
N LEU A 360 -3.13 15.39 -29.33
CA LEU A 360 -2.29 16.06 -28.37
C LEU A 360 -0.87 15.49 -28.32
N ASN A 361 -0.78 14.17 -28.31
CA ASN A 361 0.50 13.47 -28.32
C ASN A 361 1.32 13.83 -29.55
N ALA A 362 0.69 13.78 -30.72
CA ALA A 362 1.33 14.16 -31.98
C ALA A 362 1.80 15.61 -31.99
N ALA A 363 0.93 16.51 -31.59
CA ALA A 363 1.26 17.93 -31.56
C ALA A 363 2.45 18.20 -30.66
N ASN A 364 2.41 17.58 -29.49
CA ASN A 364 3.46 17.73 -28.49
C ASN A 364 4.83 17.24 -28.96
N GLU A 365 4.87 16.12 -29.67
CA GLU A 365 6.14 15.64 -30.25
C GLU A 365 6.75 16.71 -31.17
N VAL A 366 5.92 17.33 -32.01
CA VAL A 366 6.38 18.42 -32.91
C VAL A 366 6.79 19.67 -32.13
N ALA A 367 6.00 20.02 -31.13
CA ALA A 367 6.23 21.23 -30.34
C ALA A 367 7.54 21.16 -29.54
N VAL A 368 7.79 19.99 -28.95
CA VAL A 368 9.04 19.76 -28.19
C VAL A 368 10.27 19.82 -29.11
N ALA A 369 10.19 19.18 -30.27
CA ALA A 369 11.29 19.26 -31.26
C ALA A 369 11.59 20.71 -31.67
N ALA A 370 10.56 21.54 -31.78
CA ALA A 370 10.73 22.97 -32.10
C ALA A 370 11.38 23.77 -30.97
N PHE A 371 11.01 23.47 -29.74
CA PHE A 371 11.64 24.11 -28.57
C PHE A 371 13.14 23.80 -28.49
N LEU A 372 13.45 22.51 -28.67
CA LEU A 372 14.82 22.01 -28.68
C LEU A 372 15.65 22.53 -29.84
N ALA A 373 15.01 22.76 -30.99
CA ALA A 373 15.66 23.42 -32.13
C ALA A 373 15.75 24.94 -31.99
N ARG A 374 15.27 25.50 -30.86
CA ARG A 374 15.33 26.94 -30.55
C ARG A 374 14.46 27.82 -31.47
N GLN A 375 13.44 27.24 -32.07
CA GLN A 375 12.48 27.94 -32.93
C GLN A 375 11.38 28.61 -32.12
N ILE A 376 11.01 28.01 -30.98
CA ILE A 376 9.96 28.53 -30.08
C ILE A 376 10.40 28.55 -28.62
N LYS A 377 9.70 29.34 -27.81
CA LYS A 377 9.97 29.42 -26.38
C LYS A 377 9.41 28.19 -25.63
N PHE A 378 9.97 27.90 -24.46
CA PHE A 378 9.48 26.82 -23.59
C PHE A 378 7.96 26.88 -23.37
N THR A 379 7.47 28.06 -23.01
CA THR A 379 6.03 28.28 -22.81
C THR A 379 5.18 28.17 -24.08
N ASP A 380 5.80 28.22 -25.26
CA ASP A 380 5.08 27.98 -26.52
C ASP A 380 4.68 26.52 -26.73
N ILE A 381 5.28 25.60 -26.00
CA ILE A 381 4.97 24.18 -26.15
C ILE A 381 3.47 23.98 -25.88
N ALA A 382 3.01 24.49 -24.76
CA ALA A 382 1.60 24.43 -24.38
C ALA A 382 0.67 25.14 -25.37
N ARG A 383 1.11 26.29 -25.88
CA ARG A 383 0.32 27.07 -26.86
C ARG A 383 0.13 26.33 -28.18
N VAL A 384 1.19 25.69 -28.66
CA VAL A 384 1.12 24.86 -29.86
C VAL A 384 0.14 23.72 -29.64
N ASN A 385 0.33 23.01 -28.54
CA ASN A 385 -0.58 21.90 -28.18
C ASN A 385 -2.03 22.35 -28.11
N ASP A 386 -2.24 23.49 -27.46
CA ASP A 386 -3.57 24.03 -27.25
C ASP A 386 -4.22 24.43 -28.58
N SER A 387 -3.50 25.14 -29.46
CA SER A 387 -4.02 25.49 -30.79
C SER A 387 -4.42 24.27 -31.60
N VAL A 388 -3.55 23.28 -31.67
CA VAL A 388 -3.76 22.14 -32.53
C VAL A 388 -4.94 21.34 -32.01
N LEU A 389 -5.00 21.16 -30.70
CA LEU A 389 -6.07 20.41 -30.08
C LEU A 389 -7.46 21.01 -30.35
N ASN A 390 -7.56 22.33 -30.22
CA ASN A 390 -8.82 23.07 -30.49
C ASN A 390 -9.27 22.94 -31.95
N GLN A 391 -8.33 23.18 -32.87
CA GLN A 391 -8.59 23.05 -34.29
C GLN A 391 -9.14 21.68 -34.69
N VAL A 392 -8.51 20.61 -34.21
CA VAL A 392 -8.93 19.25 -34.60
C VAL A 392 -10.28 18.86 -34.00
N CYS A 393 -10.48 19.14 -32.71
CA CYS A 393 -11.67 18.66 -32.01
C CYS A 393 -12.96 19.47 -32.24
N LYS A 394 -12.86 20.66 -32.85
CA LYS A 394 -14.08 21.38 -33.24
C LYS A 394 -14.81 20.68 -34.41
N GLN A 395 -14.09 19.89 -35.22
CA GLN A 395 -14.70 19.14 -36.32
C GLN A 395 -15.58 18.03 -35.71
N SER A 396 -16.29 17.28 -36.55
CA SER A 396 -17.18 16.20 -36.05
C SER A 396 -16.92 14.82 -36.69
N LEU A 401 -16.01 3.78 -36.57
CA LEU A 401 -15.14 2.91 -35.77
C LEU A 401 -13.65 3.17 -36.10
N ASP A 402 -12.87 3.50 -35.08
CA ASP A 402 -11.44 3.76 -35.24
C ASP A 402 -10.61 2.48 -35.45
N SER A 403 -9.51 2.62 -36.18
CA SER A 403 -8.49 1.58 -36.32
C SER A 403 -7.12 2.19 -36.03
N LEU A 404 -6.10 1.34 -35.95
CA LEU A 404 -4.70 1.80 -35.81
C LEU A 404 -4.30 2.64 -37.02
N GLU A 405 -4.71 2.20 -38.21
CA GLU A 405 -4.46 2.93 -39.46
C GLU A 405 -5.07 4.35 -39.42
N SER A 406 -6.37 4.45 -39.08
CA SER A 406 -7.07 5.75 -39.08
C SER A 406 -6.53 6.73 -38.03
N LEU A 407 -6.17 6.21 -36.87
CA LEU A 407 -5.50 7.01 -35.82
C LEU A 407 -4.08 7.45 -36.19
N LEU A 408 -3.31 6.59 -36.86
CA LEU A 408 -2.01 7.01 -37.41
C LEU A 408 -2.18 8.16 -38.44
N GLU A 409 -3.24 8.08 -39.24
CA GLU A 409 -3.60 9.12 -40.21
C GLU A 409 -3.91 10.46 -39.48
N LEU A 410 -4.66 10.35 -38.40
CA LEU A 410 -4.93 11.49 -37.55
C LEU A 410 -3.67 12.05 -36.87
N ASP A 411 -2.77 11.15 -36.46
CA ASP A 411 -1.48 11.55 -35.90
C ASP A 411 -0.73 12.43 -36.92
N ARG A 412 -0.71 11.98 -38.17
CA ARG A 412 -0.04 12.70 -39.27
C ARG A 412 -0.68 14.08 -39.53
N MET A 413 -2.00 14.13 -39.59
CA MET A 413 -2.73 15.40 -39.77
C MET A 413 -2.38 16.38 -38.66
N ALA A 414 -2.32 15.89 -37.42
CA ALA A 414 -1.99 16.73 -36.27
C ALA A 414 -0.58 17.28 -36.31
N ARG A 415 0.37 16.44 -36.70
CA ARG A 415 1.75 16.90 -36.95
C ARG A 415 1.82 18.04 -37.97
N THR A 416 1.10 17.90 -39.09
CA THR A 416 1.07 18.93 -40.11
C THR A 416 0.59 20.26 -39.54
N LEU A 417 -0.49 20.21 -38.76
CA LEU A 417 -1.03 21.40 -38.12
C LEU A 417 -0.06 21.99 -37.11
N ALA A 418 0.56 21.12 -36.32
CA ALA A 418 1.54 21.57 -35.35
C ALA A 418 2.71 22.32 -36.02
N ASP A 419 3.23 21.74 -37.14
CA ASP A 419 4.28 22.40 -37.97
C ASP A 419 3.90 23.83 -38.37
N GLU A 420 2.66 23.99 -38.76
CA GLU A 420 2.14 25.30 -39.13
C GLU A 420 2.04 26.27 -37.95
N VAL A 421 1.64 25.79 -36.77
CA VAL A 421 1.55 26.64 -35.57
C VAL A 421 2.95 27.03 -35.08
N VAL A 422 3.90 26.10 -35.18
CA VAL A 422 5.32 26.39 -34.91
C VAL A 422 5.86 27.58 -35.73
N ARG A 423 5.48 27.66 -37.02
CA ARG A 423 5.84 28.83 -37.86
C ARG A 423 5.21 30.16 -37.39
N GLU A 424 3.91 30.13 -37.07
CA GLU A 424 3.20 31.27 -36.46
C GLU A 424 3.96 31.80 -35.22
N ARG A 425 4.29 30.87 -34.32
CA ARG A 425 5.02 31.20 -33.08
C ARG A 425 6.47 31.65 -33.30
N ALA A 426 7.15 31.10 -34.31
CA ALA A 426 8.43 31.64 -34.80
C ALA A 426 8.20 32.91 -35.62
N GLY B 25 -27.82 -11.37 4.26
CA GLY B 25 -26.87 -10.26 3.97
C GLY B 25 -26.31 -9.54 5.20
N MET B 26 -27.19 -9.27 6.17
CA MET B 26 -26.83 -8.51 7.39
C MET B 26 -25.84 -9.22 8.32
N GLN B 27 -24.77 -8.52 8.66
CA GLN B 27 -23.80 -9.01 9.64
C GLN B 27 -24.29 -8.61 11.04
N LYS B 28 -24.37 -9.59 11.93
CA LYS B 28 -24.84 -9.37 13.29
C LYS B 28 -23.68 -9.30 14.28
N LEU B 29 -23.63 -8.21 15.05
CA LEU B 29 -22.55 -7.89 15.96
C LEU B 29 -22.91 -7.90 17.44
N THR B 30 -21.96 -8.36 18.24
CA THR B 30 -21.89 -8.10 19.66
C THR B 30 -20.72 -7.17 19.85
N ILE B 31 -20.93 -6.08 20.58
CA ILE B 31 -19.85 -5.17 20.92
C ILE B 31 -19.48 -5.29 22.39
N LEU B 32 -18.31 -5.86 22.68
CA LEU B 32 -17.75 -5.92 24.05
C LEU B 32 -16.91 -4.69 24.24
N GLY B 33 -17.33 -3.82 25.14
CA GLY B 33 -16.65 -2.53 25.41
C GLY B 33 -17.29 -1.37 24.69
N ALA B 34 -18.61 -1.27 24.73
CA ALA B 34 -19.33 -0.31 23.89
C ALA B 34 -19.18 1.15 24.30
N THR B 35 -18.81 1.41 25.55
CA THR B 35 -18.84 2.77 26.10
C THR B 35 -17.51 3.50 25.95
N GLY B 36 -16.47 2.80 25.49
CA GLY B 36 -15.17 3.43 25.21
C GLY B 36 -15.08 4.00 23.81
N SER B 37 -13.93 4.57 23.48
CA SER B 37 -13.75 5.25 22.20
C SER B 37 -13.80 4.26 21.00
N ILE B 38 -13.31 3.05 21.21
CA ILE B 38 -13.38 2.01 20.19
C ILE B 38 -14.83 1.65 19.92
N GLY B 39 -15.59 1.43 20.99
CA GLY B 39 -17.05 1.23 20.90
C GLY B 39 -17.78 2.33 20.15
N ALA B 40 -17.43 3.58 20.46
CA ALA B 40 -18.03 4.75 19.79
C ALA B 40 -17.69 4.78 18.30
N SER B 41 -16.41 4.60 17.96
CA SER B 41 -16.00 4.48 16.57
C SER B 41 -16.69 3.34 15.83
N THR B 42 -16.87 2.20 16.49
CA THR B 42 -17.54 1.08 15.85
C THR B 42 -18.99 1.48 15.52
N LEU B 43 -19.64 2.14 16.45
CA LEU B 43 -21.06 2.49 16.28
C LEU B 43 -21.26 3.56 15.20
N LYS B 44 -20.30 4.48 15.05
CA LYS B 44 -20.25 5.45 13.94
C LYS B 44 -20.22 4.77 12.59
N VAL B 45 -19.43 3.72 12.47
CA VAL B 45 -19.34 2.99 11.21
C VAL B 45 -20.65 2.26 10.95
N ILE B 46 -21.21 1.64 11.98
CA ILE B 46 -22.50 0.95 11.83
C ILE B 46 -23.59 1.94 11.43
N GLU B 47 -23.54 3.13 12.01
CA GLU B 47 -24.48 4.22 11.71
C GLU B 47 -24.46 4.64 10.22
N GLN B 48 -23.27 4.63 9.63
CA GLN B 48 -23.10 4.92 8.21
C GLN B 48 -23.62 3.83 7.29
N ASN B 49 -23.81 2.62 7.82
CA ASN B 49 -24.13 1.42 7.04
C ASN B 49 -25.27 0.58 7.64
N PRO B 50 -26.46 1.19 7.85
CA PRO B 50 -27.59 0.45 8.48
C PRO B 50 -28.11 -0.74 7.66
N ASP B 51 -27.90 -0.73 6.36
CA ASP B 51 -28.22 -1.89 5.51
C ASP B 51 -27.27 -3.11 5.64
N LYS B 52 -26.10 -2.95 6.27
CA LYS B 52 -25.10 -4.02 6.35
C LYS B 52 -24.85 -4.60 7.72
N PHE B 53 -24.94 -3.77 8.75
CA PHE B 53 -24.58 -4.18 10.11
C PHE B 53 -25.75 -3.97 11.06
N SER B 54 -25.89 -4.88 12.02
CA SER B 54 -26.90 -4.75 13.04
C SER B 54 -26.37 -5.16 14.40
N VAL B 55 -26.67 -4.35 15.41
CA VAL B 55 -26.20 -4.55 16.76
C VAL B 55 -27.18 -5.44 17.53
N VAL B 56 -26.74 -6.65 17.87
CA VAL B 56 -27.50 -7.61 18.65
C VAL B 56 -27.30 -7.38 20.15
N ALA B 57 -26.05 -7.20 20.56
CA ALA B 57 -25.73 -7.04 21.97
C ALA B 57 -24.69 -5.98 22.20
N LEU B 58 -24.87 -5.21 23.27
CA LEU B 58 -23.89 -4.26 23.72
C LEU B 58 -23.48 -4.67 25.12
N ALA B 59 -22.21 -4.50 25.43
CA ALA B 59 -21.67 -4.87 26.72
C ALA B 59 -20.64 -3.86 27.19
N ALA B 60 -20.63 -3.61 28.49
CA ALA B 60 -19.74 -2.62 29.10
C ALA B 60 -19.39 -2.99 30.56
N ASP B 61 -18.70 -2.11 31.30
CA ASP B 61 -18.17 -2.39 32.65
C ASP B 61 -19.10 -1.82 33.75
N SER B 62 -19.07 -0.49 33.93
CA SER B 62 -19.93 0.23 34.90
C SER B 62 -20.26 1.75 34.59
N ASN B 63 -20.17 2.15 33.31
CA ASN B 63 -20.61 3.52 32.83
C ASN B 63 -22.05 3.36 32.36
N VAL B 64 -22.87 3.21 33.37
CA VAL B 64 -24.27 2.96 33.22
C VAL B 64 -24.97 4.10 32.49
N GLU B 65 -24.57 5.34 32.77
CA GLU B 65 -25.17 6.52 32.11
C GLU B 65 -24.93 6.53 30.59
N LYS B 66 -23.70 6.26 30.16
CA LYS B 66 -23.38 6.14 28.73
C LYS B 66 -24.08 4.94 28.11
N MET B 67 -24.11 3.85 28.86
CA MET B 67 -24.73 2.64 28.40
C MET B 67 -26.24 2.76 28.20
N GLN B 68 -26.93 3.45 29.10
CA GLN B 68 -28.38 3.59 28.94
C GLN B 68 -28.71 4.47 27.71
N GLN B 69 -27.92 5.51 27.49
CA GLN B 69 -28.02 6.36 26.31
C GLN B 69 -27.79 5.57 25.01
N LEU B 70 -26.80 4.67 25.00
CA LEU B 70 -26.54 3.80 23.85
C LEU B 70 -27.64 2.78 23.64
N CYS B 71 -28.16 2.19 24.72
CA CYS B 71 -29.28 1.24 24.59
C CYS B 71 -30.56 1.93 24.14
N GLN B 72 -30.75 3.18 24.54
CA GLN B 72 -31.84 4.00 23.99
C GLN B 72 -31.75 4.15 22.48
N ARG B 73 -30.59 4.62 22.02
CA ARG B 73 -30.36 4.85 20.57
C ARG B 73 -30.41 3.51 19.79
N TRP B 74 -29.74 2.46 20.27
CA TRP B 74 -29.58 1.20 19.51
C TRP B 74 -30.62 0.11 19.79
N GLN B 75 -31.32 0.16 20.92
CA GLN B 75 -32.38 -0.84 21.26
C GLN B 75 -31.91 -2.27 20.97
N PRO B 76 -30.78 -2.68 21.53
CA PRO B 76 -30.29 -4.01 21.24
C PRO B 76 -31.08 -5.08 21.97
N GLU B 77 -31.02 -6.31 21.48
CA GLU B 77 -31.63 -7.45 22.15
C GLU B 77 -31.06 -7.70 23.53
N TYR B 78 -29.76 -7.51 23.69
CA TYR B 78 -29.09 -7.72 24.96
C TYR B 78 -28.23 -6.53 25.31
N ALA B 79 -28.15 -6.27 26.60
CA ALA B 79 -27.23 -5.31 27.16
C ALA B 79 -26.62 -5.91 28.40
N VAL B 80 -25.31 -5.83 28.52
CA VAL B 80 -24.59 -6.46 29.61
C VAL B 80 -23.68 -5.47 30.28
N MET B 81 -23.72 -5.41 31.62
CA MET B 81 -22.67 -4.77 32.40
C MET B 81 -21.82 -5.85 33.06
N ALA B 82 -20.50 -5.64 33.07
CA ALA B 82 -19.57 -6.58 33.70
C ALA B 82 -19.83 -6.64 35.19
N ASN B 83 -20.09 -5.47 35.79
CA ASN B 83 -20.43 -5.36 37.19
C ASN B 83 -21.94 -5.60 37.42
N LYS B 84 -22.26 -6.53 38.30
CA LYS B 84 -23.64 -6.95 38.53
C LYS B 84 -24.50 -5.87 39.17
N GLU B 85 -23.89 -5.06 40.04
CA GLU B 85 -24.58 -3.93 40.67
C GLU B 85 -24.96 -2.91 39.61
N ALA B 86 -23.99 -2.62 38.73
CA ALA B 86 -24.23 -1.73 37.59
C ALA B 86 -25.31 -2.28 36.66
N ALA B 87 -25.32 -3.59 36.43
CA ALA B 87 -26.38 -4.25 35.62
C ALA B 87 -27.77 -4.03 36.20
N LEU B 88 -27.88 -4.11 37.52
CA LEU B 88 -29.17 -3.84 38.19
C LEU B 88 -29.67 -2.41 37.96
N ARG B 89 -28.78 -1.43 38.10
CA ARG B 89 -29.17 -0.05 37.80
C ARG B 89 -29.59 0.13 36.33
N LEU B 90 -28.86 -0.50 35.40
CA LEU B 90 -29.22 -0.42 33.98
C LEU B 90 -30.59 -1.05 33.67
N LYS B 91 -30.85 -2.20 34.29
CA LYS B 91 -32.10 -2.92 34.10
C LYS B 91 -33.33 -2.08 34.50
N MET B 92 -33.20 -1.35 35.60
CA MET B 92 -34.23 -0.40 36.04
C MET B 92 -34.43 0.75 35.06
N ALA B 93 -33.33 1.33 34.59
CA ALA B 93 -33.38 2.43 33.61
C ALA B 93 -34.02 2.00 32.30
N LEU B 94 -33.62 0.84 31.79
CA LEU B 94 -34.10 0.40 30.46
C LEU B 94 -35.52 -0.15 30.45
N ALA B 95 -36.07 -0.54 31.59
CA ALA B 95 -37.44 -1.13 31.62
C ALA B 95 -38.57 -0.38 30.85
N VAL B 96 -38.44 0.94 30.73
CA VAL B 96 -39.29 1.76 29.85
C VAL B 96 -38.57 2.28 28.59
N LEU B 97 -37.33 2.78 28.75
CA LEU B 97 -36.62 3.45 27.65
C LEU B 97 -36.12 2.50 26.58
N ALA B 98 -35.86 1.26 26.94
CA ALA B 98 -35.48 0.23 25.97
C ALA B 98 -36.14 -1.06 26.40
N PRO B 99 -37.48 -1.16 26.24
CA PRO B 99 -38.27 -2.21 26.87
C PRO B 99 -37.98 -3.61 26.37
N ASN B 100 -37.52 -3.70 25.12
CA ASN B 100 -37.19 -4.99 24.52
C ASN B 100 -35.77 -5.45 24.75
N THR B 101 -34.96 -4.64 25.40
CA THR B 101 -33.59 -5.01 25.73
C THR B 101 -33.53 -5.85 27.01
N GLN B 102 -33.06 -7.08 26.91
CA GLN B 102 -32.81 -7.91 28.09
C GLN B 102 -31.44 -7.55 28.69
N VAL B 103 -31.43 -7.07 29.93
CA VAL B 103 -30.21 -6.67 30.62
C VAL B 103 -29.66 -7.83 31.45
N LEU B 104 -28.35 -8.03 31.37
CA LEU B 104 -27.65 -9.09 32.11
C LEU B 104 -26.43 -8.52 32.79
N GLY B 105 -25.93 -9.25 33.80
CA GLY B 105 -24.74 -8.83 34.57
C GLY B 105 -23.71 -9.94 34.76
N GLY B 106 -22.44 -9.57 34.78
CA GLY B 106 -21.36 -10.51 35.12
C GLY B 106 -20.55 -11.11 34.00
N GLN B 107 -19.50 -11.85 34.37
CA GLN B 107 -18.59 -12.47 33.41
C GLN B 107 -19.27 -13.52 32.54
N GLU B 108 -20.09 -14.39 33.14
CA GLU B 108 -20.80 -15.41 32.34
C GLU B 108 -21.69 -14.77 31.27
N ALA B 109 -22.28 -13.61 31.60
CA ALA B 109 -23.16 -12.89 30.68
C ALA B 109 -22.41 -12.28 29.49
N LEU B 110 -21.22 -11.75 29.77
CA LEU B 110 -20.27 -11.32 28.71
C LEU B 110 -19.99 -12.47 27.75
N CYS B 111 -19.69 -13.65 28.28
CA CYS B 111 -19.47 -14.84 27.46
C CYS B 111 -20.72 -15.26 26.68
N TYR B 112 -21.88 -15.11 27.30
CA TYR B 112 -23.14 -15.47 26.67
C TYR B 112 -23.41 -14.63 25.42
N VAL B 113 -23.31 -13.32 25.52
CA VAL B 113 -23.53 -12.43 24.34
C VAL B 113 -22.44 -12.54 23.26
N ALA B 114 -21.24 -12.88 23.70
CA ALA B 114 -20.11 -13.12 22.80
C ALA B 114 -20.24 -14.41 22.00
N THR B 115 -21.11 -15.33 22.43
CA THR B 115 -21.21 -16.65 21.80
C THR B 115 -22.59 -16.99 21.24
N LEU B 116 -23.46 -16.00 21.13
CA LEU B 116 -24.83 -16.21 20.60
C LEU B 116 -24.81 -16.79 19.19
N GLU B 117 -25.75 -17.69 18.93
CA GLU B 117 -25.85 -18.39 17.65
C GLU B 117 -26.04 -17.42 16.47
N GLN B 118 -26.91 -16.42 16.65
CA GLN B 118 -27.20 -15.47 15.57
C GLN B 118 -26.06 -14.47 15.28
N VAL B 119 -25.09 -14.35 16.19
CA VAL B 119 -23.99 -13.37 16.06
C VAL B 119 -22.89 -13.86 15.11
N ASP B 120 -22.51 -13.00 14.17
CA ASP B 120 -21.45 -13.29 13.20
C ASP B 120 -20.09 -12.76 13.68
N SER B 121 -20.09 -11.53 14.19
CA SER B 121 -18.85 -10.86 14.64
C SER B 121 -18.94 -10.28 16.04
N VAL B 122 -17.79 -10.26 16.70
CA VAL B 122 -17.66 -9.77 18.05
C VAL B 122 -16.53 -8.76 18.06
N MET B 123 -16.85 -7.50 18.34
CA MET B 123 -15.86 -6.47 18.62
C MET B 123 -15.34 -6.71 20.03
N ALA B 124 -14.10 -7.16 20.14
CA ALA B 124 -13.52 -7.49 21.44
C ALA B 124 -12.70 -6.31 21.88
N ALA B 125 -13.36 -5.36 22.51
CA ALA B 125 -12.75 -4.10 22.93
C ALA B 125 -12.77 -3.85 24.43
N ILE B 126 -13.06 -4.88 25.23
CA ILE B 126 -12.85 -4.79 26.67
C ILE B 126 -11.34 -4.89 26.90
N VAL B 127 -10.77 -3.90 27.56
CA VAL B 127 -9.31 -3.86 27.76
C VAL B 127 -8.89 -4.55 29.04
N GLY B 128 -7.60 -4.84 29.10
CA GLY B 128 -6.99 -5.50 30.23
C GLY B 128 -7.32 -6.98 30.25
N ALA B 129 -6.82 -7.63 31.30
CA ALA B 129 -7.03 -9.05 31.52
C ALA B 129 -8.51 -9.48 31.66
N ALA B 130 -9.38 -8.57 32.08
CA ALA B 130 -10.84 -8.85 32.14
C ALA B 130 -11.44 -9.24 30.77
N GLY B 131 -10.82 -8.73 29.70
CA GLY B 131 -11.26 -9.03 28.34
C GLY B 131 -10.92 -10.41 27.83
N LEU B 132 -9.97 -11.07 28.46
CA LEU B 132 -9.48 -12.37 27.96
C LEU B 132 -10.53 -13.47 27.86
N VAL B 133 -11.24 -13.69 28.95
CA VAL B 133 -12.21 -14.78 29.03
C VAL B 133 -13.35 -14.65 27.99
N PRO B 134 -14.02 -13.47 27.93
CA PRO B 134 -15.07 -13.33 26.90
C PRO B 134 -14.55 -13.33 25.46
N THR B 135 -13.40 -12.69 25.22
CA THR B 135 -12.75 -12.76 23.91
C THR B 135 -12.48 -14.23 23.57
N MET B 136 -11.89 -14.97 24.50
CA MET B 136 -11.65 -16.41 24.30
C MET B 136 -12.92 -17.23 24.05
N ALA B 137 -14.01 -16.90 24.75
CA ALA B 137 -15.28 -17.57 24.52
C ALA B 137 -15.78 -17.36 23.08
N ALA B 138 -15.69 -16.13 22.59
CA ALA B 138 -16.00 -15.83 21.18
C ALA B 138 -15.14 -16.65 20.21
N VAL B 139 -13.86 -16.75 20.52
CA VAL B 139 -12.94 -17.56 19.73
C VAL B 139 -13.38 -19.02 19.67
N LYS B 140 -13.65 -19.62 20.83
CA LYS B 140 -14.12 -21.02 20.88
C LYS B 140 -15.46 -21.25 20.17
N ALA B 141 -16.27 -20.20 20.06
CA ALA B 141 -17.54 -20.28 19.32
C ALA B 141 -17.39 -20.12 17.80
N GLY B 142 -16.18 -19.89 17.33
CA GLY B 142 -15.90 -19.80 15.91
C GLY B 142 -16.34 -18.49 15.27
N LYS B 143 -16.45 -17.44 16.08
CA LYS B 143 -16.90 -16.15 15.58
C LYS B 143 -15.77 -15.42 14.88
N ARG B 144 -16.17 -14.44 14.11
CA ARG B 144 -15.24 -13.46 13.56
C ARG B 144 -14.90 -12.48 14.69
N ILE B 145 -13.63 -12.33 14.98
CA ILE B 145 -13.18 -11.56 16.12
C ILE B 145 -12.51 -10.27 15.64
N LEU B 146 -13.09 -9.15 15.99
CA LEU B 146 -12.51 -7.86 15.68
C LEU B 146 -11.68 -7.53 16.90
N LEU B 147 -10.39 -7.83 16.83
CA LEU B 147 -9.57 -7.86 18.02
C LEU B 147 -9.08 -6.49 18.38
N ALA B 148 -9.55 -5.98 19.50
CA ALA B 148 -9.08 -4.68 20.05
C ALA B 148 -8.64 -4.79 21.49
N ASN B 149 -8.22 -5.97 21.91
CA ASN B 149 -7.70 -6.23 23.26
C ASN B 149 -6.22 -6.63 23.04
N LYS B 150 -5.27 -5.86 23.56
CA LYS B 150 -3.84 -6.18 23.49
C LYS B 150 -3.44 -7.45 24.29
N GLU B 151 -4.11 -7.71 25.39
CA GLU B 151 -3.68 -8.76 26.30
C GLU B 151 -3.81 -10.17 25.70
N ALA B 152 -4.78 -10.37 24.81
CA ALA B 152 -5.02 -11.69 24.23
C ALA B 152 -3.75 -12.24 23.60
N LEU B 153 -3.05 -11.40 22.83
CA LEU B 153 -1.80 -11.84 22.21
C LEU B 153 -0.53 -11.56 23.02
N VAL B 154 -0.51 -10.50 23.82
CA VAL B 154 0.65 -10.20 24.68
C VAL B 154 0.84 -11.24 25.79
N MET B 155 -0.27 -11.65 26.40
CA MET B 155 -0.24 -12.59 27.52
C MET B 155 -0.35 -14.02 27.06
N SER B 156 -1.21 -14.28 26.09
CA SER B 156 -1.63 -15.63 25.77
C SER B 156 -1.69 -15.91 24.26
N GLY B 157 -0.75 -15.32 23.51
CA GLY B 157 -0.67 -15.50 22.07
C GLY B 157 -0.75 -16.93 21.56
N GLN B 158 0.09 -17.80 22.12
CA GLN B 158 0.12 -19.21 21.68
C GLN B 158 -1.25 -19.85 21.87
N LEU B 159 -1.79 -19.64 23.07
CA LEU B 159 -3.09 -20.14 23.45
C LEU B 159 -4.21 -19.65 22.51
N PHE B 160 -4.21 -18.34 22.22
CA PHE B 160 -5.21 -17.78 21.31
C PHE B 160 -5.11 -18.31 19.88
N ILE B 161 -3.90 -18.32 19.33
CA ILE B 161 -3.72 -18.81 17.95
C ILE B 161 -4.14 -20.27 17.82
N ASP B 162 -3.79 -21.08 18.81
CA ASP B 162 -4.22 -22.49 18.85
C ASP B 162 -5.76 -22.63 18.88
N GLU B 163 -6.41 -21.86 19.73
CA GLU B 163 -7.87 -21.92 19.84
C GLU B 163 -8.57 -21.40 18.59
N VAL B 164 -7.99 -20.39 17.94
CA VAL B 164 -8.49 -19.88 16.66
C VAL B 164 -8.44 -20.95 15.55
N GLU B 165 -7.33 -21.66 15.47
CA GLU B 165 -7.18 -22.77 14.51
C GLU B 165 -8.22 -23.85 14.79
N LYS B 166 -8.35 -24.18 16.06
CA LYS B 166 -9.22 -25.27 16.51
C LYS B 166 -10.70 -25.05 16.14
N SER B 167 -11.17 -23.80 16.23
CA SER B 167 -12.59 -23.47 16.03
C SER B 167 -12.97 -22.89 14.66
N GLY B 168 -11.99 -22.49 13.86
CA GLY B 168 -12.26 -21.80 12.58
C GLY B 168 -12.68 -20.34 12.70
N ALA B 169 -12.40 -19.72 13.85
CA ALA B 169 -12.63 -18.28 14.04
C ALA B 169 -11.72 -17.46 13.12
N GLN B 170 -12.22 -16.32 12.64
CA GLN B 170 -11.40 -15.34 11.92
C GLN B 170 -10.96 -14.27 12.89
N LEU B 171 -9.70 -13.91 12.80
CA LEU B 171 -9.11 -12.89 13.63
C LEU B 171 -8.84 -11.68 12.72
N LEU B 172 -9.37 -10.51 13.07
CA LEU B 172 -9.13 -9.29 12.29
C LEU B 172 -8.70 -8.20 13.25
N PRO B 173 -7.46 -7.71 13.11
CA PRO B 173 -6.93 -6.78 14.09
C PRO B 173 -7.44 -5.35 13.92
N VAL B 174 -7.83 -4.73 15.04
CA VAL B 174 -8.43 -3.40 15.05
C VAL B 174 -7.36 -2.33 15.18
N ASP B 175 -6.33 -2.63 15.95
CA ASP B 175 -5.30 -1.66 16.26
C ASP B 175 -4.62 -1.16 14.96
N SER B 176 -4.32 0.13 14.97
CA SER B 176 -3.93 0.89 13.79
C SER B 176 -2.76 0.27 13.01
N GLU B 177 -1.67 -0.03 13.71
CA GLU B 177 -0.46 -0.59 13.10
C GLU B 177 -0.74 -1.98 12.53
N HIS B 178 -1.45 -2.82 13.29
CA HIS B 178 -1.71 -4.19 12.85
C HIS B 178 -2.67 -4.20 11.69
N ASN B 179 -3.64 -3.29 11.74
CA ASN B 179 -4.61 -3.16 10.67
C ASN B 179 -3.92 -2.70 9.42
N ALA B 180 -3.00 -1.75 9.57
CA ALA B 180 -2.22 -1.23 8.45
C ALA B 180 -1.41 -2.35 7.78
N ILE B 181 -0.71 -3.13 8.59
CA ILE B 181 0.10 -4.27 8.12
C ILE B 181 -0.78 -5.26 7.37
N PHE B 182 -1.92 -5.55 7.97
CA PHE B 182 -2.93 -6.41 7.36
C PHE B 182 -3.32 -5.96 5.95
N GLN B 183 -3.57 -4.67 5.80
CA GLN B 183 -3.88 -4.09 4.48
C GLN B 183 -2.73 -4.11 3.48
N CYS B 184 -1.50 -4.03 3.98
CA CYS B 184 -0.33 -4.10 3.12
C CYS B 184 0.10 -5.51 2.72
N LEU B 185 -0.57 -6.53 3.26
CA LEU B 185 -0.24 -7.93 2.96
C LEU B 185 -1.13 -8.48 1.85
N PRO B 186 -0.65 -9.49 1.12
CA PRO B 186 -1.49 -10.12 0.10
C PRO B 186 -2.70 -10.83 0.69
N GLN B 187 -3.73 -10.97 -0.14
CA GLN B 187 -5.00 -11.57 0.26
C GLN B 187 -4.88 -13.00 0.81
N THR B 188 -3.97 -13.79 0.27
CA THR B 188 -3.73 -15.16 0.77
C THR B 188 -3.28 -15.19 2.24
N VAL B 189 -2.50 -14.18 2.65
CA VAL B 189 -2.05 -14.02 4.05
C VAL B 189 -3.18 -13.48 4.95
N GLN B 190 -3.93 -12.54 4.40
CA GLN B 190 -5.05 -11.93 5.11
C GLN B 190 -6.11 -12.97 5.54
N GLY B 191 -6.39 -13.93 4.66
CA GLY B 191 -7.33 -15.04 4.93
C GLY B 191 -6.85 -16.12 5.89
N ASN B 192 -5.55 -16.18 6.18
CA ASN B 192 -4.95 -17.17 7.11
C ASN B 192 -3.97 -16.55 8.12
N LEU B 193 -4.48 -15.66 8.98
CA LEU B 193 -3.63 -15.04 10.01
C LEU B 193 -3.14 -16.03 11.09
N GLY B 194 -1.84 -15.93 11.39
CA GLY B 194 -1.18 -16.76 12.40
C GLY B 194 -0.65 -18.10 11.90
N ARG B 195 -0.96 -18.47 10.65
CA ARG B 195 -0.66 -19.77 10.05
C ARG B 195 0.01 -19.74 8.66
N CYS B 196 0.15 -18.56 8.04
CA CYS B 196 0.75 -18.46 6.71
C CYS B 196 2.26 -18.31 6.84
N ASP B 197 2.99 -18.92 5.91
CA ASP B 197 4.45 -18.74 5.81
C ASP B 197 4.69 -17.48 4.99
N LEU B 198 5.14 -16.41 5.66
CA LEU B 198 5.28 -15.08 5.01
C LEU B 198 6.21 -15.08 3.79
N ALA B 199 7.34 -15.76 3.90
CA ALA B 199 8.35 -15.80 2.84
C ALA B 199 7.76 -16.42 1.58
N SER B 200 6.90 -17.42 1.73
CA SER B 200 6.27 -18.08 0.57
C SER B 200 5.24 -17.19 -0.16
N GLN B 201 4.82 -16.11 0.47
CA GLN B 201 3.96 -15.10 -0.18
C GLN B 201 4.74 -13.84 -0.57
N GLY B 202 6.06 -13.95 -0.64
CA GLY B 202 6.90 -12.87 -1.16
C GLY B 202 7.23 -11.76 -0.19
N VAL B 203 6.96 -11.96 1.10
CA VAL B 203 7.23 -10.94 2.08
C VAL B 203 8.64 -11.14 2.60
N SER B 204 9.48 -10.11 2.56
CA SER B 204 10.77 -10.12 3.23
C SER B 204 10.59 -9.76 4.69
N HIS B 205 9.98 -8.60 4.94
CA HIS B 205 9.73 -8.17 6.30
C HIS B 205 8.62 -7.15 6.47
N ILE B 206 8.10 -7.11 7.69
CA ILE B 206 7.08 -6.18 8.11
C ILE B 206 7.77 -5.02 8.82
N LEU B 207 7.40 -3.80 8.48
CA LEU B 207 7.94 -2.60 9.12
C LEU B 207 6.89 -1.94 10.04
N LEU B 208 7.03 -2.25 11.31
CA LEU B 208 6.18 -1.72 12.34
C LEU B 208 6.64 -0.30 12.65
N THR B 209 5.77 0.68 12.42
CA THR B 209 6.11 2.08 12.62
C THR B 209 5.55 2.66 13.91
N GLY B 210 6.26 3.66 14.44
CA GLY B 210 5.83 4.40 15.61
C GLY B 210 6.45 5.78 15.68
N SER B 211 5.84 6.64 16.47
CA SER B 211 6.18 8.06 16.47
C SER B 211 7.48 8.33 17.18
N GLY B 212 7.89 7.42 18.04
CA GLY B 212 9.05 7.65 18.89
C GLY B 212 8.72 8.41 20.17
N GLY B 213 7.47 8.84 20.32
CA GLY B 213 7.04 9.59 21.47
C GLY B 213 7.64 10.97 21.65
N PRO B 214 7.25 11.67 22.73
CA PRO B 214 7.67 13.07 22.94
C PRO B 214 9.18 13.28 23.07
N PHE B 215 9.92 12.24 23.47
CA PHE B 215 11.38 12.34 23.62
C PHE B 215 12.22 11.82 22.44
N ARG B 216 11.59 11.73 21.27
CA ARG B 216 12.25 11.25 20.05
C ARG B 216 13.57 11.98 19.69
N TYR B 217 13.65 13.28 20.03
CA TYR B 217 14.81 14.14 19.77
C TYR B 217 15.55 14.57 21.04
N THR B 218 15.18 14.01 22.18
CA THR B 218 15.76 14.42 23.47
C THR B 218 17.06 13.66 23.75
N ASP B 219 18.07 14.36 24.27
CA ASP B 219 19.33 13.73 24.69
C ASP B 219 19.05 12.66 25.77
N VAL B 220 19.71 11.51 25.66
CA VAL B 220 19.51 10.40 26.61
C VAL B 220 19.75 10.81 28.07
N ALA B 221 20.75 11.67 28.31
CA ALA B 221 21.07 12.14 29.66
C ALA B 221 19.92 12.89 30.35
N GLU B 222 19.10 13.59 29.55
CA GLU B 222 17.94 14.35 30.07
C GLU B 222 16.73 13.51 30.45
N LEU B 223 16.69 12.25 30.04
CA LEU B 223 15.55 11.36 30.32
C LEU B 223 15.34 11.08 31.82
N GLU B 224 16.42 11.06 32.60
CA GLU B 224 16.34 10.88 34.06
C GLU B 224 15.41 11.89 34.73
N ALA B 225 15.44 13.14 34.31
CA ALA B 225 14.65 14.22 34.93
C ALA B 225 13.23 14.47 34.35
N VAL B 226 12.79 13.68 33.36
CA VAL B 226 11.47 13.94 32.76
C VAL B 226 10.35 13.67 33.76
N THR B 227 9.32 14.48 33.64
CA THR B 227 8.17 14.42 34.53
C THR B 227 6.96 13.92 33.76
N PRO B 228 5.97 13.37 34.48
CA PRO B 228 4.73 12.93 33.84
C PRO B 228 4.05 13.98 32.95
N GLU B 229 4.14 15.25 33.33
CA GLU B 229 3.64 16.35 32.48
C GLU B 229 4.29 16.29 31.08
N GLN B 230 5.61 16.15 31.06
CA GLN B 230 6.36 16.02 29.80
C GLN B 230 6.10 14.71 29.03
N ALA B 231 5.95 13.60 29.74
CA ALA B 231 5.72 12.29 29.09
C ALA B 231 4.33 12.11 28.43
N ILE B 232 3.36 12.92 28.84
CA ILE B 232 1.98 12.86 28.28
C ILE B 232 1.84 13.72 27.02
N ALA B 233 2.43 14.91 27.03
CA ALA B 233 2.41 15.86 25.88
C ALA B 233 0.99 16.36 25.56
N MET B 239 -6.67 10.57 25.12
CA MET B 239 -5.56 9.61 25.02
C MET B 239 -5.05 9.28 26.41
N GLY B 240 -5.43 8.11 26.95
CA GLY B 240 -5.16 7.74 28.35
C GLY B 240 -3.68 7.80 28.75
N PRO B 241 -3.39 8.12 30.04
CA PRO B 241 -1.99 8.37 30.42
C PRO B 241 -1.04 7.15 30.37
N LYS B 242 -1.54 5.95 30.60
CA LYS B 242 -0.73 4.74 30.54
C LYS B 242 -0.21 4.50 29.11
N ILE B 243 -1.14 4.58 28.16
CA ILE B 243 -0.85 4.51 26.72
C ILE B 243 0.15 5.62 26.27
N SER B 244 0.04 6.82 26.82
CA SER B 244 0.98 7.91 26.51
C SER B 244 2.40 7.66 27.03
N VAL B 245 2.52 7.19 28.28
CA VAL B 245 3.82 6.87 28.85
C VAL B 245 4.49 5.72 28.07
N ASP B 246 3.71 4.71 27.70
CA ASP B 246 4.21 3.61 26.90
C ASP B 246 4.69 4.08 25.53
N SER B 247 4.01 5.08 24.98
CA SER B 247 4.46 5.76 23.77
C SER B 247 5.80 6.49 23.97
N ALA B 248 6.00 7.10 25.13
CA ALA B 248 7.27 7.75 25.49
C ALA B 248 8.46 6.76 25.66
N THR B 249 8.20 5.59 26.24
CA THR B 249 9.24 4.54 26.44
C THR B 249 9.42 3.60 25.23
N MET B 250 8.47 3.67 24.31
CA MET B 250 8.27 2.73 23.19
C MET B 250 7.93 1.30 23.60
N MET B 251 7.48 1.14 24.85
CA MET B 251 6.87 -0.11 25.25
C MET B 251 5.64 -0.39 24.40
N ASN B 252 4.90 0.64 23.99
CA ASN B 252 3.74 0.48 23.10
C ASN B 252 4.12 -0.34 21.87
N LYS B 253 5.26 0.04 21.27
CA LYS B 253 5.75 -0.62 20.09
C LYS B 253 6.29 -2.02 20.37
N GLY B 254 6.89 -2.18 21.54
CA GLY B 254 7.26 -3.50 22.03
C GLY B 254 6.09 -4.45 22.14
N LEU B 255 5.00 -3.98 22.73
CA LEU B 255 3.81 -4.82 22.85
C LEU B 255 3.26 -5.14 21.47
N GLU B 256 3.22 -4.14 20.60
CA GLU B 256 2.71 -4.33 19.24
C GLU B 256 3.58 -5.29 18.47
N TYR B 257 4.89 -5.24 18.72
CA TYR B 257 5.82 -6.19 18.16
C TYR B 257 5.44 -7.61 18.55
N ILE B 258 5.19 -7.85 19.83
CA ILE B 258 4.81 -9.18 20.33
C ILE B 258 3.49 -9.63 19.65
N GLU B 259 2.50 -8.76 19.58
CA GLU B 259 1.23 -9.11 18.93
C GLU B 259 1.41 -9.45 17.45
N ALA B 260 2.20 -8.63 16.76
CA ALA B 260 2.48 -8.83 15.32
C ALA B 260 3.08 -10.20 15.07
N LYS B 261 3.98 -10.60 15.94
CA LYS B 261 4.62 -11.89 15.81
C LYS B 261 3.59 -13.00 15.76
N TRP B 262 2.63 -12.96 16.68
CA TRP B 262 1.56 -13.96 16.72
C TRP B 262 0.50 -13.77 15.63
N LEU B 263 0.09 -12.55 15.33
CA LEU B 263 -0.89 -12.29 14.24
C LEU B 263 -0.43 -12.74 12.85
N PHE B 264 0.83 -12.43 12.53
CA PHE B 264 1.34 -12.62 11.17
C PHE B 264 2.30 -13.78 11.04
N ASN B 265 2.54 -14.47 12.17
CA ASN B 265 3.47 -15.60 12.24
C ASN B 265 4.84 -15.21 11.72
N ALA B 266 5.36 -14.11 12.23
CA ALA B 266 6.60 -13.54 11.73
C ALA B 266 7.76 -14.06 12.56
N SER B 267 8.83 -14.49 11.89
CA SER B 267 10.09 -14.86 12.53
C SER B 267 10.91 -13.63 12.91
N ARG B 268 12.01 -13.87 13.63
CA ARG B 268 12.92 -12.79 14.01
C ARG B 268 13.54 -12.04 12.84
N ASP B 269 13.58 -12.63 11.66
CA ASP B 269 14.06 -11.92 10.42
C ASP B 269 13.01 -11.02 9.78
N GLN B 270 11.73 -11.34 10.03
CA GLN B 270 10.61 -10.75 9.30
C GLN B 270 9.91 -9.58 9.99
N LEU B 271 10.42 -9.11 11.12
CA LEU B 271 9.74 -8.07 11.86
C LEU B 271 10.67 -6.97 12.33
N LYS B 272 10.47 -5.75 11.83
CA LYS B 272 11.34 -4.61 12.10
C LYS B 272 10.59 -3.44 12.67
N VAL B 273 11.31 -2.56 13.35
CA VAL B 273 10.74 -1.36 13.95
C VAL B 273 11.40 -0.10 13.38
N ILE B 274 10.59 0.85 12.94
CA ILE B 274 11.03 2.14 12.37
C ILE B 274 10.30 3.26 13.10
N ILE B 275 10.99 4.36 13.37
CA ILE B 275 10.34 5.57 13.89
C ILE B 275 9.93 6.48 12.74
N HIS B 276 8.67 6.89 12.77
CA HIS B 276 8.08 7.79 11.80
C HIS B 276 7.32 8.86 12.60
N PRO B 277 7.94 10.03 12.86
CA PRO B 277 7.38 10.92 13.87
C PRO B 277 5.98 11.49 13.63
N GLN B 278 5.57 11.61 12.38
CA GLN B 278 4.31 12.27 12.04
C GLN B 278 3.09 11.32 12.08
N SER B 279 3.31 10.01 12.13
CA SER B 279 2.21 9.02 12.20
C SER B 279 1.15 9.11 11.08
N VAL B 280 1.57 9.54 9.89
CA VAL B 280 0.72 9.51 8.71
C VAL B 280 0.72 8.10 8.15
N ILE B 281 1.91 7.57 7.92
CA ILE B 281 2.12 6.15 7.62
C ILE B 281 1.90 5.37 8.91
N HIS B 282 1.09 4.32 8.83
CA HIS B 282 0.72 3.55 10.02
C HIS B 282 1.49 2.25 10.17
N SER B 283 1.88 1.66 9.05
CA SER B 283 2.94 0.63 8.98
C SER B 283 3.14 0.27 7.52
N MET B 284 4.14 -0.57 7.25
CA MET B 284 4.50 -0.94 5.90
C MET B 284 4.96 -2.40 5.83
N VAL B 285 4.99 -2.94 4.61
CA VAL B 285 5.46 -4.29 4.34
C VAL B 285 6.42 -4.22 3.17
N GLN B 286 7.58 -4.85 3.34
CA GLN B 286 8.64 -4.92 2.35
C GLN B 286 8.56 -6.28 1.65
N TYR B 287 8.43 -6.25 0.33
CA TYR B 287 8.37 -7.44 -0.49
C TYR B 287 9.72 -7.76 -1.13
N LEU B 288 9.78 -8.98 -1.61
CA LEU B 288 10.96 -9.66 -2.15
C LEU B 288 11.54 -9.01 -3.42
N ASP B 289 10.69 -8.38 -4.20
CA ASP B 289 11.14 -7.76 -5.45
C ASP B 289 11.71 -6.32 -5.29
N GLY B 290 11.71 -5.82 -4.03
CA GLY B 290 12.04 -4.42 -3.72
C GLY B 290 10.85 -3.51 -3.43
N SER B 291 9.64 -3.96 -3.75
CA SER B 291 8.42 -3.15 -3.55
C SER B 291 8.02 -3.04 -2.07
N VAL B 292 7.60 -1.86 -1.64
CA VAL B 292 7.08 -1.63 -0.30
C VAL B 292 5.65 -1.11 -0.41
N LEU B 293 4.75 -1.70 0.36
CA LEU B 293 3.41 -1.17 0.47
C LEU B 293 3.25 -0.54 1.83
N ALA B 294 2.67 0.64 1.84
CA ALA B 294 2.41 1.36 3.07
C ALA B 294 0.93 1.71 3.15
N GLN B 295 0.41 1.78 4.37
CA GLN B 295 -0.94 2.25 4.62
C GLN B 295 -0.87 3.56 5.36
N MET B 296 -1.64 4.52 4.88
CA MET B 296 -1.69 5.88 5.44
C MET B 296 -3.16 6.27 5.66
N GLY B 297 -3.41 7.34 6.41
CA GLY B 297 -4.77 7.86 6.57
C GLY B 297 -4.93 8.88 7.66
N GLU B 298 -6.09 9.52 7.71
CA GLU B 298 -6.42 10.44 8.81
C GLU B 298 -6.38 9.62 10.10
N PRO B 299 -6.01 10.25 11.25
CA PRO B 299 -5.92 9.53 12.54
C PRO B 299 -7.30 9.32 13.19
N ASP B 300 -8.03 8.33 12.70
CA ASP B 300 -9.39 8.06 13.13
C ASP B 300 -9.58 6.57 13.13
N MET B 301 -9.91 6.01 14.29
CA MET B 301 -10.03 4.58 14.45
C MET B 301 -11.17 3.97 13.64
N ALA B 302 -12.11 4.79 13.16
CA ALA B 302 -13.20 4.29 12.34
C ALA B 302 -12.71 3.62 11.06
N THR B 303 -11.56 4.09 10.54
CA THR B 303 -10.97 3.50 9.32
C THR B 303 -10.60 2.03 9.53
N PRO B 304 -9.66 1.73 10.43
CA PRO B 304 -9.33 0.32 10.64
C PRO B 304 -10.50 -0.54 11.10
N ILE B 305 -11.35 0.02 11.97
CA ILE B 305 -12.54 -0.70 12.44
C ILE B 305 -13.42 -1.06 11.27
N ALA B 306 -13.67 -0.09 10.40
CA ALA B 306 -14.53 -0.30 9.23
C ALA B 306 -14.06 -1.50 8.39
N LEU B 307 -12.75 -1.61 8.17
CA LEU B 307 -12.24 -2.76 7.43
C LEU B 307 -12.42 -4.07 8.18
N THR B 308 -12.23 -4.08 9.50
CA THR B 308 -12.49 -5.31 10.26
C THR B 308 -13.94 -5.76 10.12
N LEU B 309 -14.87 -4.81 10.01
CA LEU B 309 -16.27 -5.13 9.83
C LEU B 309 -16.61 -5.59 8.40
N SER B 310 -16.01 -4.96 7.40
CA SER B 310 -16.41 -5.16 6.01
C SER B 310 -15.57 -6.19 5.23
N TYR B 311 -14.39 -6.56 5.74
CA TYR B 311 -13.45 -7.43 5.02
C TYR B 311 -14.13 -8.70 4.43
N PRO B 312 -13.89 -9.04 3.15
CA PRO B 312 -12.92 -8.40 2.24
C PRO B 312 -13.40 -7.18 1.44
N GLU B 313 -14.65 -6.78 1.60
CA GLU B 313 -15.14 -5.55 0.99
C GLU B 313 -14.76 -4.32 1.83
N ARG B 314 -15.17 -3.16 1.35
CA ARG B 314 -14.98 -1.89 2.05
C ARG B 314 -16.29 -1.11 2.20
N VAL B 315 -16.38 -0.31 3.26
CA VAL B 315 -17.56 0.52 3.53
C VAL B 315 -17.18 1.93 3.90
N LYS B 316 -18.13 2.84 3.75
CA LYS B 316 -17.98 4.20 4.24
C LYS B 316 -17.77 4.14 5.74
N ALA B 317 -16.89 4.98 6.25
CA ALA B 317 -16.53 4.98 7.68
C ALA B 317 -16.79 6.30 8.38
N GLY B 318 -17.26 7.31 7.66
CA GLY B 318 -17.38 8.65 8.21
C GLY B 318 -16.05 9.38 8.36
N VAL B 319 -15.04 8.95 7.62
CA VAL B 319 -13.70 9.53 7.67
C VAL B 319 -13.43 10.12 6.29
N LYS B 320 -12.96 11.37 6.28
CA LYS B 320 -12.60 12.07 5.03
C LYS B 320 -11.34 11.50 4.37
N PRO B 321 -11.19 11.70 3.05
CA PRO B 321 -9.96 11.24 2.39
C PRO B 321 -8.75 12.03 2.89
N LEU B 322 -7.57 11.42 2.82
CA LEU B 322 -6.36 12.07 3.31
C LEU B 322 -6.05 13.27 2.43
N ASP B 323 -5.78 14.42 3.04
CA ASP B 323 -5.48 15.65 2.29
C ASP B 323 -3.96 15.88 2.22
N PHE B 324 -3.34 15.56 1.09
CA PHE B 324 -1.88 15.67 0.94
C PHE B 324 -1.30 17.09 0.93
N THR B 325 -2.16 18.07 0.70
CA THR B 325 -1.74 19.46 0.89
C THR B 325 -1.52 19.85 2.37
N GLN B 326 -2.14 19.15 3.32
CA GLN B 326 -2.02 19.46 4.76
C GLN B 326 -1.18 18.44 5.56
N VAL B 327 -0.63 17.45 4.87
CA VAL B 327 0.12 16.36 5.53
C VAL B 327 1.45 16.85 6.12
N GLY B 328 2.08 17.83 5.48
CA GLY B 328 3.43 18.27 5.84
C GLY B 328 4.47 17.22 5.47
N GLU B 329 5.65 17.36 6.05
CA GLU B 329 6.76 16.45 5.75
C GLU B 329 6.65 15.09 6.45
N LEU B 330 7.03 14.01 5.77
CA LEU B 330 7.16 12.69 6.37
C LEU B 330 8.63 12.34 6.52
N THR B 331 9.02 11.89 7.71
CA THR B 331 10.42 11.52 7.96
C THR B 331 10.52 10.19 8.71
N PHE B 332 11.75 9.68 8.77
CA PHE B 332 12.04 8.39 9.38
C PHE B 332 13.31 8.48 10.18
N LEU B 333 13.30 7.84 11.34
CA LEU B 333 14.47 7.73 12.18
C LEU B 333 14.70 6.30 12.62
N GLN B 334 15.92 6.11 13.09
CA GLN B 334 16.32 4.86 13.62
C GLN B 334 16.25 4.89 15.13
N PRO B 335 15.52 3.92 15.72
CA PRO B 335 15.50 3.88 17.16
C PRO B 335 16.88 3.55 17.75
N ASP B 336 17.17 4.17 18.88
CA ASP B 336 18.35 3.93 19.70
C ASP B 336 17.90 3.18 20.99
N PHE B 337 18.49 2.03 21.31
CA PHE B 337 18.15 1.31 22.56
C PHE B 337 18.59 1.98 23.88
N GLU B 338 19.49 2.96 23.81
CA GLU B 338 19.81 3.81 24.98
C GLU B 338 18.61 4.69 25.33
N ARG B 339 17.90 5.14 24.31
CA ARG B 339 16.72 5.98 24.44
C ARG B 339 15.48 5.16 24.78
N TYR B 340 15.38 3.96 24.21
CA TYR B 340 14.21 3.09 24.35
C TYR B 340 14.56 1.67 24.88
N PRO B 341 15.12 1.57 26.10
CA PRO B 341 15.42 0.23 26.68
C PRO B 341 14.21 -0.74 26.75
N CYS B 342 13.02 -0.20 26.96
CA CYS B 342 11.82 -1.05 27.00
C CYS B 342 11.60 -1.82 25.71
N LEU B 343 11.96 -1.22 24.59
CA LEU B 343 11.77 -1.86 23.27
C LEU B 343 12.63 -3.11 23.13
N ALA B 344 13.87 -3.01 23.62
CA ALA B 344 14.78 -4.16 23.69
C ALA B 344 14.23 -5.27 24.59
N LEU B 345 13.69 -4.90 25.75
CA LEU B 345 13.07 -5.87 26.67
C LEU B 345 11.90 -6.62 26.04
N ALA B 346 11.03 -5.89 25.34
CA ALA B 346 9.87 -6.49 24.69
C ALA B 346 10.26 -7.48 23.62
N ILE B 347 11.21 -7.11 22.78
CA ILE B 347 11.69 -8.00 21.72
C ILE B 347 12.30 -9.27 22.35
N GLU B 348 13.12 -9.07 23.38
CA GLU B 348 13.73 -10.17 24.12
C GLU B 348 12.66 -11.06 24.72
N ALA B 349 11.69 -10.44 25.41
CA ALA B 349 10.59 -11.17 26.03
C ALA B 349 9.79 -11.96 25.01
N CYS B 350 9.56 -11.34 23.85
CA CYS B 350 8.83 -11.97 22.76
C CYS B 350 9.31 -13.41 22.49
N TYR B 351 10.63 -13.57 22.32
CA TYR B 351 11.20 -14.87 21.94
C TYR B 351 11.50 -15.80 23.11
N LEU B 352 11.38 -15.30 24.32
CA LEU B 352 11.30 -16.17 25.53
C LEU B 352 9.90 -16.79 25.79
N GLY B 353 8.84 -16.25 25.20
CA GLY B 353 7.51 -16.87 25.24
C GLY B 353 6.49 -16.21 26.16
N GLN B 354 5.34 -16.84 26.26
CA GLN B 354 4.18 -16.30 26.99
C GLN B 354 4.48 -15.84 28.43
N HIS B 355 5.23 -16.66 29.15
CA HIS B 355 5.57 -16.35 30.56
C HIS B 355 6.31 -15.03 30.65
N ALA B 356 7.25 -14.82 29.74
CA ALA B 356 8.05 -13.60 29.74
C ALA B 356 7.25 -12.38 29.33
N THR B 357 6.40 -12.52 28.31
CA THR B 357 5.61 -11.37 27.85
C THR B 357 4.53 -10.98 28.85
N THR B 358 3.86 -11.98 29.42
CA THR B 358 2.91 -11.75 30.54
C THR B 358 3.61 -11.03 31.69
N THR B 359 4.80 -11.49 32.04
CA THR B 359 5.54 -10.89 33.14
C THR B 359 5.89 -9.43 32.85
N LEU B 360 6.39 -9.18 31.64
CA LEU B 360 6.81 -7.83 31.24
C LEU B 360 5.66 -6.85 31.21
N ASN B 361 4.55 -7.30 30.63
CA ASN B 361 3.35 -6.49 30.57
C ASN B 361 2.84 -6.11 31.96
N ALA B 362 2.76 -7.10 32.85
CA ALA B 362 2.32 -6.88 34.23
C ALA B 362 3.23 -5.91 34.96
N ALA B 363 4.53 -6.15 34.85
CA ALA B 363 5.53 -5.32 35.53
C ALA B 363 5.42 -3.88 35.07
N ASN B 364 5.28 -3.71 33.76
CA ASN B 364 5.18 -2.40 33.14
C ASN B 364 3.95 -1.62 33.57
N GLU B 365 2.81 -2.30 33.72
CA GLU B 365 1.61 -1.64 34.26
C GLU B 365 1.89 -1.03 35.62
N VAL B 366 2.54 -1.81 36.49
CA VAL B 366 2.89 -1.33 37.83
C VAL B 366 3.93 -0.22 37.78
N ALA B 367 4.93 -0.37 36.91
CA ALA B 367 6.04 0.60 36.80
C ALA B 367 5.58 1.96 36.30
N VAL B 368 4.70 1.95 35.28
CA VAL B 368 4.11 3.17 34.74
C VAL B 368 3.23 3.90 35.80
N ALA B 369 2.40 3.14 36.53
CA ALA B 369 1.58 3.74 37.61
C ALA B 369 2.47 4.41 38.67
N ALA B 370 3.62 3.81 38.96
CA ALA B 370 4.58 4.38 39.94
C ALA B 370 5.25 5.66 39.44
N PHE B 371 5.58 5.70 38.14
CA PHE B 371 6.14 6.91 37.53
C PHE B 371 5.14 8.07 37.56
N LEU B 372 3.90 7.75 37.19
CA LEU B 372 2.78 8.70 37.23
C LEU B 372 2.41 9.18 38.63
N ALA B 373 2.56 8.31 39.61
CA ALA B 373 2.38 8.69 41.02
C ALA B 373 3.59 9.44 41.61
N ARG B 374 4.65 9.65 40.81
CA ARG B 374 5.89 10.35 41.19
C ARG B 374 6.72 9.66 42.28
N GLN B 375 6.60 8.34 42.34
CA GLN B 375 7.38 7.49 43.23
C GLN B 375 8.75 7.12 42.64
N ILE B 376 8.81 7.00 41.32
CA ILE B 376 10.05 6.65 40.59
C ILE B 376 10.29 7.56 39.40
N LYS B 377 11.52 7.59 38.95
CA LYS B 377 11.92 8.40 37.80
C LYS B 377 11.48 7.73 36.49
N PHE B 378 11.30 8.53 35.45
CA PHE B 378 10.96 8.02 34.12
C PHE B 378 11.86 6.85 33.68
N THR B 379 13.17 7.04 33.81
CA THR B 379 14.15 6.01 33.48
C THR B 379 14.11 4.76 34.38
N ASP B 380 13.45 4.85 35.53
CA ASP B 380 13.22 3.66 36.37
C ASP B 380 12.17 2.70 35.82
N ILE B 381 11.36 3.13 34.87
CA ILE B 381 10.37 2.23 34.29
C ILE B 381 11.04 1.00 33.68
N ALA B 382 12.02 1.24 32.81
CA ALA B 382 12.82 0.17 32.20
C ALA B 382 13.54 -0.71 33.22
N ARG B 383 14.07 -0.08 34.28
CA ARG B 383 14.80 -0.81 35.34
C ARG B 383 13.90 -1.76 36.12
N VAL B 384 12.69 -1.29 36.45
CA VAL B 384 11.68 -2.12 37.12
C VAL B 384 11.33 -3.30 36.21
N ASN B 385 10.99 -3.01 34.96
CA ASN B 385 10.67 -4.07 33.98
C ASN B 385 11.79 -5.09 33.83
N ASP B 386 13.01 -4.59 33.73
CA ASP B 386 14.18 -5.42 33.58
C ASP B 386 14.40 -6.32 34.81
N SER B 387 14.33 -5.76 36.01
CA SER B 387 14.50 -6.57 37.25
C SER B 387 13.49 -7.67 37.35
N VAL B 388 12.22 -7.33 37.10
CA VAL B 388 11.14 -8.28 37.32
C VAL B 388 11.25 -9.39 36.29
N LEU B 389 11.54 -9.02 35.05
CA LEU B 389 11.68 -9.99 33.96
C LEU B 389 12.78 -11.02 34.21
N ASN B 390 13.94 -10.56 34.67
CA ASN B 390 15.07 -11.43 35.02
C ASN B 390 14.74 -12.40 36.15
N GLN B 391 14.18 -11.87 37.22
CA GLN B 391 13.78 -12.67 38.39
C GLN B 391 12.85 -13.80 38.03
N VAL B 392 11.80 -13.51 37.25
CA VAL B 392 10.79 -14.53 36.93
C VAL B 392 11.36 -15.61 35.99
N CYS B 393 12.07 -15.21 34.95
CA CYS B 393 12.49 -16.15 33.91
C CYS B 393 13.70 -17.02 34.26
N LYS B 394 14.42 -16.71 35.34
CA LYS B 394 15.44 -17.67 35.85
C LYS B 394 14.87 -19.01 36.32
N GLN B 395 13.62 -19.01 36.81
CA GLN B 395 12.89 -20.23 37.22
C GLN B 395 12.18 -20.93 36.02
N SER B 396 11.61 -22.12 36.23
CA SER B 396 10.99 -22.89 35.12
C SER B 396 9.56 -23.37 35.40
N LEU B 401 1.83 -26.92 30.31
CA LEU B 401 0.67 -26.52 29.55
C LEU B 401 -0.08 -25.31 30.16
N ASP B 402 0.05 -24.14 29.53
CA ASP B 402 -0.55 -22.89 30.05
C ASP B 402 -2.05 -22.81 29.82
N SER B 403 -2.71 -22.09 30.74
CA SER B 403 -4.10 -21.70 30.59
C SER B 403 -4.21 -20.21 30.90
N LEU B 404 -5.40 -19.66 30.66
CA LEU B 404 -5.70 -18.27 31.04
C LEU B 404 -5.61 -18.05 32.54
N GLU B 405 -6.12 -19.03 33.30
CA GLU B 405 -6.03 -19.02 34.77
C GLU B 405 -4.56 -18.97 35.25
N SER B 406 -3.71 -19.87 34.73
CA SER B 406 -2.31 -19.93 35.17
C SER B 406 -1.52 -18.66 34.78
N LEU B 407 -1.78 -18.11 33.61
CA LEU B 407 -1.16 -16.85 33.16
C LEU B 407 -1.65 -15.61 33.93
N LEU B 408 -2.92 -15.58 34.30
CA LEU B 408 -3.42 -14.56 35.24
C LEU B 408 -2.73 -14.62 36.60
N GLU B 409 -2.49 -15.84 37.09
CA GLU B 409 -1.76 -16.02 38.35
C GLU B 409 -0.34 -15.49 38.21
N LEU B 410 0.28 -15.78 37.08
CA LEU B 410 1.62 -15.26 36.79
C LEU B 410 1.64 -13.73 36.69
N ASP B 411 0.59 -13.17 36.09
CA ASP B 411 0.42 -11.71 36.02
C ASP B 411 0.41 -11.10 37.43
N ARG B 412 -0.35 -11.71 38.32
CA ARG B 412 -0.44 -11.30 39.73
C ARG B 412 0.89 -11.42 40.48
N MET B 413 1.59 -12.54 40.31
CA MET B 413 2.94 -12.73 40.89
C MET B 413 3.91 -11.65 40.42
N ALA B 414 3.87 -11.33 39.12
CA ALA B 414 4.76 -10.30 38.54
C ALA B 414 4.47 -8.92 39.11
N ARG B 415 3.18 -8.58 39.24
CA ARG B 415 2.78 -7.33 39.90
C ARG B 415 3.34 -7.20 41.32
N THR B 416 3.25 -8.28 42.09
CA THR B 416 3.79 -8.30 43.47
C THR B 416 5.29 -7.99 43.46
N LEU B 417 6.02 -8.65 42.56
CA LEU B 417 7.46 -8.38 42.41
C LEU B 417 7.76 -6.96 41.97
N ALA B 418 6.98 -6.46 41.02
CA ALA B 418 7.14 -5.09 40.53
C ALA B 418 6.93 -4.08 41.66
N ASP B 419 5.87 -4.27 42.47
CA ASP B 419 5.61 -3.46 43.70
C ASP B 419 6.81 -3.38 44.62
N GLU B 420 7.48 -4.53 44.79
CA GLU B 420 8.69 -4.62 45.61
C GLU B 420 9.89 -3.87 44.99
N VAL B 421 10.06 -3.95 43.68
CA VAL B 421 11.15 -3.23 42.99
C VAL B 421 10.88 -1.71 43.00
N VAL B 422 9.62 -1.31 42.87
CA VAL B 422 9.21 0.11 43.01
C VAL B 422 9.64 0.71 44.36
N ARG B 423 9.50 -0.06 45.45
CA ARG B 423 9.98 0.38 46.79
C ARG B 423 11.51 0.53 46.87
N GLU B 424 12.25 -0.45 46.34
CA GLU B 424 13.72 -0.37 46.20
C GLU B 424 14.14 0.94 45.50
N ARG B 425 13.50 1.21 44.37
CA ARG B 425 13.77 2.44 43.60
C ARG B 425 13.33 3.74 44.28
N ALA B 426 12.22 3.70 45.01
CA ALA B 426 11.82 4.82 45.88
C ALA B 426 12.66 4.82 47.15
C1 EDO C . 0.24 -9.05 -4.63
O1 EDO C . 0.04 -8.81 -6.03
C2 EDO C . 1.25 -10.17 -4.42
O2 EDO C . 1.81 -10.15 -3.10
C1 EDO D . 2.81 1.74 -20.39
O1 EDO D . 3.19 3.05 -19.96
C2 EDO D . 1.79 1.11 -19.42
O2 EDO D . 2.26 1.16 -18.06
C1 EDO E . 16.80 -17.75 -19.98
O1 EDO E . 16.16 -18.32 -21.14
C2 EDO E . 16.75 -18.63 -18.71
O2 EDO E . 17.12 -17.90 -17.52
C1 EDO F . 8.46 -15.88 -41.45
O1 EDO F . 9.04 -16.52 -40.32
C2 EDO F . 7.56 -14.72 -40.98
O2 EDO F . 8.32 -13.56 -40.64
C1 EDO G . 26.36 -18.62 -22.75
O1 EDO G . 26.65 -18.71 -24.15
C2 EDO G . 27.07 -17.38 -22.19
O2 EDO G . 26.45 -16.94 -20.97
C1 EDO H . 20.29 23.67 -27.22
O1 EDO H . 19.91 22.50 -27.96
C2 EDO H . 19.54 24.89 -27.71
O2 EDO H . 18.51 24.55 -28.65
N ARG I . 12.55 -2.76 -43.25
CA ARG I . 11.36 -2.58 -42.37
C ARG I . 10.11 -3.20 -43.00
O ARG I . 9.26 -3.76 -42.30
CB ARG I . 11.12 -1.10 -42.02
CG ARG I . 12.40 -0.32 -41.77
CD ARG I . 12.28 0.80 -40.74
NE ARG I . 12.83 0.42 -39.44
CZ ARG I . 13.22 1.26 -38.48
NH1 ARG I . 13.72 0.77 -37.34
NH2 ARG I . 13.16 2.59 -38.64
OXT ARG I . 9.95 -3.18 -44.23
CL CL J . 7.75 12.06 -12.77
O1 SRT K . -20.32 -14.89 36.11
O11 SRT K . -21.54 -15.97 37.57
C1 SRT K . -20.59 -15.22 37.29
C2 SRT K . -19.73 -14.70 38.43
O2 SRT K . -18.72 -15.68 38.74
C3 SRT K . -19.04 -13.37 38.12
O3 SRT K . -19.85 -12.54 37.25
C4 SRT K . -18.75 -12.61 39.38
O4 SRT K . -19.67 -12.00 39.96
O41 SRT K . -17.58 -12.62 39.81
C1 EDO L . -4.77 -6.35 17.91
O1 EDO L . -4.81 -5.30 16.93
C2 EDO L . -5.13 -5.80 19.29
O2 EDO L . -4.19 -4.84 19.75
C1 EDO M . 13.14 17.75 27.60
O1 EDO M . 11.77 17.58 27.23
C2 EDO M . 13.40 17.11 28.96
O2 EDO M . 13.89 18.05 29.92
C1 EDO N . 18.28 -5.66 21.65
O1 EDO N . 19.48 -5.99 22.38
C2 EDO N . 17.32 -6.84 21.57
O2 EDO N . 16.96 -7.34 22.86
C1 EDO O . -15.74 1.56 31.96
O1 EDO O . -14.90 2.62 31.49
C2 EDO O . -17.19 2.03 31.89
O2 EDO O . -18.11 0.97 31.55
C1 EDO P . -25.98 -16.66 31.64
O1 EDO P . -26.10 -15.23 31.59
C2 EDO P . -27.16 -17.33 30.91
O2 EDO P . -28.36 -16.55 31.01
#